data_5TNF
#
_entry.id   5TNF
#
_cell.length_a   168.551
_cell.length_b   83.922
_cell.length_c   89.678
_cell.angle_alpha   90.00
_cell.angle_beta   100.35
_cell.angle_gamma   90.00
#
_symmetry.space_group_name_H-M   'C 1 2 1'
#
loop_
_entity.id
_entity.type
_entity.pdbx_description
1 polymer 'CFTR inhibitory factor'
2 non-polymer '(4Z,7Z,10Z,13Z,16Z,19R,20R)-19,20-dihydroxydocosa-4,7,10,13,16-pentaenoic acid'
3 water water
#
_entity_poly.entity_id   1
_entity_poly.type   'polypeptide(L)'
_entity_poly.pdbx_seq_one_letter_code
;AEEFPVPNGFESAYREVDGVKLHYVKGGQGPLVMLVHGFGQTWYEWHQLMPELAKRFTVIAPDLPGLGQSEPPKTGYSGE
QVAVYLHKLARQFSPDRPFDLVAHDIGIWNTYPMVVKNQADIARLVYMQAPIPDARIYRFPAFTAQGESLVWHFSFFAAD
DRLAETLIAGKERFFLEHFIKSHASNTEVFSERLLDLYARSYAKPHSLNASFEYYRALNESVRQNAELAKTRLQMPTMTL
AGGGHGGMGTFQLEQMKAYAEDVEGHVLPGCGHWLPEECAAPMNRLVIDFLSRGRHHHHHH
;
_entity_poly.pdbx_strand_id   A,B,C,D
#
loop_
_chem_comp.id
_chem_comp.type
_chem_comp.name
_chem_comp.formula
7HW non-polymer '(4Z,7Z,10Z,13Z,16Z,19R,20R)-19,20-dihydroxydocosa-4,7,10,13,16-pentaenoic acid' 'C22 H34 O4'
#
# COMPACT_ATOMS: atom_id res chain seq x y z
N ALA A 1 -9.10 -2.41 -32.16
CA ALA A 1 -8.63 -1.78 -30.93
C ALA A 1 -8.02 -2.81 -29.97
N GLU A 2 -7.02 -2.38 -29.21
CA GLU A 2 -6.35 -3.24 -28.24
C GLU A 2 -6.34 -2.53 -26.90
N GLU A 3 -6.82 -3.22 -25.87
CA GLU A 3 -6.87 -2.60 -24.54
C GLU A 3 -5.48 -2.52 -23.91
N PHE A 4 -4.58 -3.43 -24.28
CA PHE A 4 -3.23 -3.49 -23.74
C PHE A 4 -2.24 -3.72 -24.87
N PRO A 5 -1.04 -3.15 -24.78
CA PRO A 5 -0.07 -3.30 -25.87
C PRO A 5 0.45 -4.72 -25.99
N VAL A 6 0.46 -5.23 -27.20
CA VAL A 6 0.90 -6.61 -27.46
C VAL A 6 2.42 -6.63 -27.50
N PRO A 7 3.09 -7.56 -26.82
CA PRO A 7 4.55 -7.63 -26.93
C PRO A 7 4.99 -7.87 -28.36
N ASN A 8 6.17 -7.37 -28.68
CA ASN A 8 6.70 -7.48 -30.04
C ASN A 8 6.75 -8.94 -30.48
N GLY A 9 6.25 -9.21 -31.68
CA GLY A 9 6.25 -10.56 -32.21
C GLY A 9 5.08 -11.41 -31.77
N PHE A 10 4.15 -10.88 -30.99
CA PHE A 10 2.92 -11.59 -30.64
C PHE A 10 1.77 -11.03 -31.48
N GLU A 11 0.71 -11.84 -31.60
CA GLU A 11 -0.50 -11.41 -32.29
C GLU A 11 -1.66 -11.40 -31.30
N SER A 12 -2.51 -10.41 -31.45
CA SER A 12 -3.80 -10.36 -30.76
C SER A 12 -4.86 -10.86 -31.74
N ALA A 13 -5.63 -11.88 -31.34
CA ALA A 13 -6.58 -12.50 -32.25
C ALA A 13 -7.78 -12.99 -31.44
N TYR A 14 -8.75 -13.53 -32.15
CA TYR A 14 -9.98 -14.03 -31.53
C TYR A 14 -10.29 -15.41 -32.08
N ARG A 15 -10.94 -16.22 -31.26
CA ARG A 15 -11.41 -17.52 -31.75
C ARG A 15 -12.79 -17.78 -31.15
N GLU A 16 -13.73 -18.14 -32.01
CA GLU A 16 -15.07 -18.50 -31.55
C GLU A 16 -15.03 -19.91 -30.97
N VAL A 17 -15.46 -20.06 -29.73
CA VAL A 17 -15.54 -21.35 -29.06
C VAL A 17 -16.95 -21.50 -28.51
N ASP A 18 -17.67 -22.51 -28.97
CA ASP A 18 -19.04 -22.77 -28.53
C ASP A 18 -19.88 -21.48 -28.52
N GLY A 19 -19.77 -20.71 -29.60
CA GLY A 19 -20.57 -19.51 -29.77
C GLY A 19 -20.07 -18.30 -29.01
N VAL A 20 -18.90 -18.38 -28.38
CA VAL A 20 -18.36 -17.29 -27.58
C VAL A 20 -17.03 -16.86 -28.21
N LYS A 21 -16.90 -15.57 -28.50
CA LYS A 21 -15.69 -15.04 -29.13
C LYS A 21 -14.67 -14.74 -28.04
N LEU A 22 -13.59 -15.52 -28.00
CA LEU A 22 -12.55 -15.37 -26.99
C LEU A 22 -11.36 -14.61 -27.57
N HIS A 23 -10.88 -13.61 -26.83
CA HIS A 23 -9.69 -12.89 -27.22
C HIS A 23 -8.46 -13.58 -26.64
N TYR A 24 -7.37 -13.60 -27.40
CA TYR A 24 -6.13 -14.13 -26.86
C TYR A 24 -4.95 -13.43 -27.54
N VAL A 25 -3.79 -13.55 -26.90
CA VAL A 25 -2.52 -13.07 -27.44
C VAL A 25 -1.61 -14.28 -27.54
N LYS A 26 -0.97 -14.47 -28.70
CA LYS A 26 -0.24 -15.69 -28.99
C LYS A 26 1.10 -15.36 -29.63
N GLY A 27 2.12 -16.12 -29.27
CA GLY A 27 3.42 -15.97 -29.91
C GLY A 27 4.29 -17.17 -29.62
N GLY A 28 5.41 -17.24 -30.34
CA GLY A 28 6.39 -18.29 -30.09
C GLY A 28 6.15 -19.55 -30.90
N GLN A 29 7.01 -20.54 -30.66
CA GLN A 29 6.98 -21.81 -31.36
C GLN A 29 7.32 -22.93 -30.39
N GLY A 30 6.79 -24.13 -30.67
CA GLY A 30 7.02 -25.28 -29.82
C GLY A 30 5.76 -25.74 -29.13
N PRO A 31 5.91 -26.60 -28.12
CA PRO A 31 4.74 -27.07 -27.36
C PRO A 31 3.95 -25.91 -26.79
N LEU A 32 2.65 -26.12 -26.63
CA LEU A 32 1.78 -25.03 -26.21
C LEU A 32 1.76 -24.86 -24.69
N VAL A 33 1.84 -23.60 -24.26
CA VAL A 33 1.56 -23.22 -22.87
CA VAL A 33 1.55 -23.24 -22.87
C VAL A 33 0.44 -22.20 -22.89
N MET A 34 -0.59 -22.44 -22.09
CA MET A 34 -1.69 -21.51 -21.95
C MET A 34 -1.59 -20.85 -20.58
N LEU A 35 -1.65 -19.52 -20.54
CA LEU A 35 -1.55 -18.74 -19.31
C LEU A 35 -2.91 -18.09 -19.05
N VAL A 36 -3.49 -18.30 -17.86
CA VAL A 36 -4.85 -17.87 -17.57
C VAL A 36 -4.85 -16.90 -16.39
N HIS A 37 -5.24 -15.65 -16.65
CA HIS A 37 -5.25 -14.55 -15.69
C HIS A 37 -6.40 -14.68 -14.69
N GLY A 38 -6.44 -13.74 -13.74
CA GLY A 38 -7.45 -13.73 -12.70
C GLY A 38 -8.22 -12.42 -12.57
N PHE A 39 -8.89 -12.25 -11.44
CA PHE A 39 -9.78 -11.11 -11.25
C PHE A 39 -9.01 -9.80 -11.23
N GLY A 40 -9.62 -8.76 -11.80
CA GLY A 40 -9.00 -7.45 -11.81
C GLY A 40 -8.05 -7.23 -12.97
N GLN A 41 -7.77 -8.28 -13.74
CA GLN A 41 -6.73 -8.20 -14.75
C GLN A 41 -7.20 -8.92 -16.02
N THR A 42 -6.26 -9.09 -16.94
CA THR A 42 -6.49 -9.64 -18.26
C THR A 42 -5.26 -10.44 -18.64
N TRP A 43 -5.18 -10.87 -19.91
CA TRP A 43 -3.99 -11.53 -20.41
C TRP A 43 -2.72 -10.72 -20.10
N TYR A 44 -2.84 -9.41 -19.98
CA TYR A 44 -1.68 -8.53 -19.89
C TYR A 44 -0.85 -8.78 -18.64
N GLU A 45 -1.40 -9.39 -17.59
CA GLU A 45 -0.56 -9.66 -16.42
C GLU A 45 0.62 -10.55 -16.80
N TRP A 46 0.52 -11.30 -17.88
CA TRP A 46 1.54 -12.22 -18.34
C TRP A 46 2.53 -11.59 -19.31
N HIS A 47 2.41 -10.30 -19.61
CA HIS A 47 3.12 -9.78 -20.78
C HIS A 47 4.64 -9.76 -20.62
N GLN A 48 5.14 -9.79 -19.38
CA GLN A 48 6.58 -9.83 -19.14
C GLN A 48 7.13 -11.24 -19.20
N LEU A 49 6.32 -12.22 -18.80
CA LEU A 49 6.69 -13.62 -18.85
C LEU A 49 6.60 -14.16 -20.28
N MET A 50 5.65 -13.65 -21.07
CA MET A 50 5.38 -14.27 -22.37
C MET A 50 6.56 -14.28 -23.33
N PRO A 51 7.36 -13.21 -23.50
CA PRO A 51 8.48 -13.29 -24.44
C PRO A 51 9.53 -14.30 -24.05
N GLU A 52 9.74 -14.49 -22.74
CA GLU A 52 10.73 -15.47 -22.29
C GLU A 52 10.25 -16.89 -22.57
N LEU A 53 8.98 -17.17 -22.27
CA LEU A 53 8.42 -18.49 -22.59
C LEU A 53 8.40 -18.75 -24.07
N ALA A 54 8.15 -17.72 -24.88
CA ALA A 54 8.02 -17.93 -26.32
C ALA A 54 9.34 -18.33 -26.98
N LYS A 55 10.47 -18.23 -26.28
CA LYS A 55 11.73 -18.74 -26.83
C LYS A 55 11.70 -20.26 -26.96
N ARG A 56 10.88 -20.94 -26.17
CA ARG A 56 10.83 -22.40 -26.17
C ARG A 56 9.44 -22.98 -26.38
N PHE A 57 8.38 -22.18 -26.25
CA PHE A 57 7.02 -22.66 -26.33
C PHE A 57 6.20 -21.77 -27.24
N THR A 58 5.12 -22.33 -27.78
CA THR A 58 4.02 -21.52 -28.27
C THR A 58 3.21 -21.08 -27.06
N VAL A 59 3.02 -19.77 -26.91
CA VAL A 59 2.36 -19.21 -25.73
C VAL A 59 1.04 -18.58 -26.14
N ILE A 60 -0.04 -18.93 -25.44
CA ILE A 60 -1.34 -18.31 -25.65
CA ILE A 60 -1.33 -18.30 -25.65
C ILE A 60 -1.84 -17.79 -24.32
N ALA A 61 -2.30 -16.54 -24.29
CA ALA A 61 -2.84 -15.94 -23.09
C ALA A 61 -4.23 -15.42 -23.42
N PRO A 62 -5.30 -16.13 -23.06
CA PRO A 62 -6.64 -15.68 -23.37
C PRO A 62 -7.20 -14.74 -22.31
N ASP A 63 -8.18 -13.95 -22.71
CA ASP A 63 -9.00 -13.22 -21.75
C ASP A 63 -10.14 -14.13 -21.29
N LEU A 64 -10.36 -14.19 -19.98
CA LEU A 64 -11.45 -15.02 -19.46
C LEU A 64 -12.78 -14.52 -20.02
N PRO A 65 -13.75 -15.42 -20.24
CA PRO A 65 -15.06 -15.00 -20.76
C PRO A 65 -15.62 -13.80 -19.99
N GLY A 66 -16.03 -12.77 -20.75
CA GLY A 66 -16.57 -11.55 -20.19
C GLY A 66 -15.54 -10.51 -19.80
N LEU A 67 -14.29 -10.91 -19.61
CA LEU A 67 -13.22 -10.01 -19.19
C LEU A 67 -12.32 -9.69 -20.36
N GLY A 68 -11.53 -8.62 -20.19
CA GLY A 68 -10.70 -8.20 -21.31
C GLY A 68 -11.55 -7.97 -22.54
N GLN A 69 -11.13 -8.55 -23.65
CA GLN A 69 -11.83 -8.44 -24.93
C GLN A 69 -12.57 -9.73 -25.28
N SER A 70 -12.84 -10.60 -24.31
CA SER A 70 -13.60 -11.82 -24.54
C SER A 70 -15.08 -11.61 -24.24
N GLU A 71 -15.93 -12.21 -25.09
CA GLU A 71 -17.36 -12.17 -24.84
C GLU A 71 -17.71 -12.98 -23.59
N PRO A 72 -18.81 -12.62 -22.92
CA PRO A 72 -19.27 -13.40 -21.75
C PRO A 72 -19.60 -14.81 -22.16
N PRO A 73 -19.56 -15.76 -21.21
CA PRO A 73 -19.95 -17.13 -21.52
C PRO A 73 -21.44 -17.22 -21.77
N LYS A 74 -21.82 -18.15 -22.66
CA LYS A 74 -23.22 -18.43 -22.94
C LYS A 74 -23.82 -19.47 -22.01
N THR A 75 -23.01 -20.36 -21.43
CA THR A 75 -23.52 -21.36 -20.50
C THR A 75 -23.62 -20.79 -19.09
N GLY A 76 -22.48 -20.45 -18.49
CA GLY A 76 -22.48 -19.91 -17.14
C GLY A 76 -21.06 -19.66 -16.69
N TYR A 77 -20.94 -19.22 -15.44
CA TYR A 77 -19.67 -18.78 -14.90
C TYR A 77 -19.06 -19.76 -13.89
N SER A 78 -19.68 -20.91 -13.67
CA SER A 78 -19.08 -21.89 -12.78
C SER A 78 -17.80 -22.43 -13.39
N GLY A 79 -16.95 -23.00 -12.53
CA GLY A 79 -15.65 -23.45 -12.99
C GLY A 79 -15.74 -24.48 -14.11
N GLU A 80 -16.66 -25.44 -13.97
CA GLU A 80 -16.80 -26.49 -14.98
C GLU A 80 -17.29 -25.92 -16.31
N GLN A 81 -18.16 -24.92 -16.26
CA GLN A 81 -18.69 -24.34 -17.50
C GLN A 81 -17.61 -23.54 -18.22
N VAL A 82 -16.87 -22.72 -17.49
CA VAL A 82 -15.87 -21.89 -18.12
C VAL A 82 -14.70 -22.74 -18.61
N ALA A 83 -14.37 -23.80 -17.88
CA ALA A 83 -13.22 -24.62 -18.26
C ALA A 83 -13.41 -25.27 -19.63
N VAL A 84 -14.66 -25.53 -20.02
CA VAL A 84 -14.92 -26.06 -21.37
C VAL A 84 -14.37 -25.12 -22.42
N TYR A 85 -14.68 -23.82 -22.29
CA TYR A 85 -14.19 -22.85 -23.28
C TYR A 85 -12.67 -22.85 -23.35
N LEU A 86 -12.01 -22.82 -22.19
CA LEU A 86 -10.55 -22.74 -22.18
C LEU A 86 -9.92 -24.04 -22.68
N HIS A 87 -10.49 -25.19 -22.33
CA HIS A 87 -9.95 -26.45 -22.84
C HIS A 87 -10.09 -26.54 -24.36
N LYS A 88 -11.28 -26.20 -24.88
CA LYS A 88 -11.47 -26.27 -26.32
C LYS A 88 -10.56 -25.28 -27.04
N LEU A 89 -10.38 -24.07 -26.46
CA LEU A 89 -9.50 -23.08 -27.08
C LEU A 89 -8.08 -23.63 -27.20
N ALA A 90 -7.53 -24.12 -26.08
CA ALA A 90 -6.18 -24.69 -26.09
C ALA A 90 -6.06 -25.84 -27.09
N ARG A 91 -7.06 -26.73 -27.10
CA ARG A 91 -6.98 -27.89 -27.99
C ARG A 91 -7.09 -27.50 -29.47
N GLN A 92 -7.63 -26.31 -29.79
CA GLN A 92 -7.58 -25.85 -31.18
CA GLN A 92 -7.58 -25.85 -31.18
C GLN A 92 -6.15 -25.66 -31.65
N PHE A 93 -5.28 -25.17 -30.76
CA PHE A 93 -3.88 -24.92 -31.08
C PHE A 93 -2.97 -26.11 -30.79
N SER A 94 -3.42 -27.08 -30.00
CA SER A 94 -2.64 -28.27 -29.66
C SER A 94 -3.55 -29.49 -29.74
N PRO A 95 -4.04 -29.84 -30.94
CA PRO A 95 -5.02 -30.93 -31.04
C PRO A 95 -4.44 -32.32 -30.85
N ASP A 96 -3.13 -32.50 -31.05
CA ASP A 96 -2.52 -33.82 -31.07
C ASP A 96 -1.52 -34.04 -29.94
N ARG A 97 -1.30 -33.06 -29.08
CA ARG A 97 -0.31 -33.16 -28.02
C ARG A 97 -0.82 -32.49 -26.77
N PRO A 98 -0.41 -32.96 -25.60
CA PRO A 98 -0.75 -32.25 -24.37
C PRO A 98 -0.08 -30.89 -24.31
N PHE A 99 -0.67 -30.00 -23.54
CA PHE A 99 -0.16 -28.65 -23.38
C PHE A 99 0.08 -28.34 -21.90
N ASP A 100 0.82 -27.27 -21.65
CA ASP A 100 1.07 -26.79 -20.29
C ASP A 100 0.07 -25.72 -19.90
N LEU A 101 -0.15 -25.58 -18.59
CA LEU A 101 -1.11 -24.62 -18.06
C LEU A 101 -0.51 -23.87 -16.89
N VAL A 102 -0.64 -22.54 -16.93
CA VAL A 102 -0.28 -21.65 -15.81
C VAL A 102 -1.50 -20.81 -15.52
N ALA A 103 -1.90 -20.73 -14.25
CA ALA A 103 -3.13 -20.02 -13.92
C ALA A 103 -2.98 -19.30 -12.60
N HIS A 104 -3.63 -18.14 -12.52
CA HIS A 104 -3.52 -17.20 -11.41
C HIS A 104 -4.92 -16.87 -10.90
N ASP A 105 -5.13 -16.94 -9.59
CA ASP A 105 -6.38 -16.43 -8.98
C ASP A 105 -7.56 -17.22 -9.59
N ILE A 106 -8.61 -16.57 -10.07
CA ILE A 106 -9.76 -17.33 -10.55
C ILE A 106 -9.46 -18.08 -11.85
N GLY A 107 -8.32 -17.82 -12.48
CA GLY A 107 -7.83 -18.74 -13.52
C GLY A 107 -7.73 -20.18 -13.05
N ILE A 108 -7.43 -20.38 -11.77
CA ILE A 108 -7.45 -21.73 -11.19
C ILE A 108 -8.86 -22.29 -11.19
N TRP A 109 -9.82 -21.51 -10.67
CA TRP A 109 -11.20 -21.97 -10.63
C TRP A 109 -11.68 -22.37 -12.01
N ASN A 110 -11.28 -21.63 -13.01
CA ASN A 110 -11.78 -21.78 -14.37
C ASN A 110 -11.01 -22.80 -15.19
N THR A 111 -9.98 -23.44 -14.62
CA THR A 111 -9.25 -24.48 -15.32
C THR A 111 -9.21 -25.81 -14.58
N TYR A 112 -9.35 -25.82 -13.25
CA TYR A 112 -9.24 -27.08 -12.52
C TYR A 112 -10.16 -28.16 -13.08
N PRO A 113 -11.45 -27.91 -13.39
CA PRO A 113 -12.29 -29.01 -13.92
C PRO A 113 -11.79 -29.58 -15.22
N MET A 114 -11.25 -28.76 -16.13
CA MET A 114 -10.81 -29.36 -17.39
C MET A 114 -9.49 -30.10 -17.21
N VAL A 115 -8.69 -29.72 -16.21
CA VAL A 115 -7.48 -30.48 -15.92
C VAL A 115 -7.83 -31.87 -15.43
N VAL A 116 -8.75 -31.96 -14.46
CA VAL A 116 -9.03 -33.27 -13.88
C VAL A 116 -9.87 -34.11 -14.83
N LYS A 117 -10.66 -33.51 -15.71
CA LYS A 117 -11.46 -34.31 -16.64
C LYS A 117 -10.70 -34.69 -17.90
N ASN A 118 -9.56 -34.05 -18.18
CA ASN A 118 -8.78 -34.31 -19.39
C ASN A 118 -7.30 -34.39 -19.02
N GLN A 119 -6.97 -35.27 -18.06
CA GLN A 119 -5.63 -35.26 -17.50
C GLN A 119 -4.56 -35.53 -18.55
N ALA A 120 -4.86 -36.38 -19.54
CA ALA A 120 -3.86 -36.66 -20.56
C ALA A 120 -3.55 -35.45 -21.43
N ASP A 121 -4.42 -34.43 -21.44
CA ASP A 121 -4.18 -33.25 -22.25
C ASP A 121 -3.26 -32.24 -21.57
N ILE A 122 -2.94 -32.43 -20.29
CA ILE A 122 -2.19 -31.46 -19.49
C ILE A 122 -0.83 -32.06 -19.16
N ALA A 123 0.23 -31.54 -19.79
CA ALA A 123 1.57 -32.06 -19.55
C ALA A 123 2.10 -31.65 -18.18
N ARG A 124 2.06 -30.35 -17.88
CA ARG A 124 2.57 -29.79 -16.63
C ARG A 124 1.69 -28.62 -16.24
N LEU A 125 1.60 -28.37 -14.94
CA LEU A 125 0.60 -27.46 -14.38
C LEU A 125 1.26 -26.53 -13.37
N VAL A 126 0.97 -25.24 -13.47
CA VAL A 126 1.43 -24.25 -12.49
C VAL A 126 0.23 -23.45 -12.02
N TYR A 127 -0.01 -23.46 -10.71
CA TYR A 127 -1.11 -22.72 -10.10
C TYR A 127 -0.58 -21.74 -9.06
N MET A 128 -1.11 -20.51 -9.07
CA MET A 128 -0.61 -19.50 -8.13
C MET A 128 -1.75 -18.66 -7.57
N GLN A 129 -1.70 -18.43 -6.26
CA GLN A 129 -2.51 -17.42 -5.57
C GLN A 129 -4.02 -17.57 -5.79
N ALA A 130 -4.52 -18.75 -5.42
CA ALA A 130 -5.96 -18.92 -5.21
C ALA A 130 -6.23 -20.32 -4.68
N PRO A 131 -7.21 -20.46 -3.78
CA PRO A 131 -7.68 -21.81 -3.44
C PRO A 131 -8.43 -22.43 -4.59
N ILE A 132 -8.22 -23.72 -4.80
CA ILE A 132 -9.22 -24.46 -5.59
C ILE A 132 -10.53 -24.41 -4.83
N PRO A 133 -11.65 -24.11 -5.49
CA PRO A 133 -12.91 -24.00 -4.73
C PRO A 133 -13.31 -25.30 -4.05
N ASP A 134 -13.31 -25.29 -2.72
CA ASP A 134 -13.80 -26.44 -1.95
C ASP A 134 -14.21 -25.94 -0.57
N ALA A 135 -14.57 -26.87 0.33
CA ALA A 135 -15.12 -26.49 1.63
C ALA A 135 -14.15 -25.67 2.47
N ARG A 136 -12.85 -25.71 2.16
CA ARG A 136 -11.89 -24.92 2.93
C ARG A 136 -12.22 -23.43 2.90
N ILE A 137 -12.82 -22.95 1.81
CA ILE A 137 -13.07 -21.52 1.72
C ILE A 137 -14.12 -21.06 2.72
N TYR A 138 -14.94 -21.97 3.23
CA TYR A 138 -15.95 -21.59 4.21
C TYR A 138 -15.36 -21.36 5.59
N ARG A 139 -14.06 -21.59 5.77
CA ARG A 139 -13.41 -21.35 7.05
C ARG A 139 -12.58 -20.07 7.04
N PHE A 140 -12.37 -19.47 5.87
CA PHE A 140 -11.59 -18.23 5.80
C PHE A 140 -12.25 -17.16 6.68
N PRO A 141 -11.48 -16.40 7.45
CA PRO A 141 -12.08 -15.43 8.37
C PRO A 141 -12.57 -14.16 7.68
N ALA A 142 -13.66 -13.63 8.24
CA ALA A 142 -14.22 -12.37 7.77
C ALA A 142 -13.38 -11.18 8.22
N PHE A 143 -12.65 -11.32 9.32
CA PHE A 143 -11.97 -10.20 9.92
C PHE A 143 -10.77 -10.75 10.68
N THR A 144 -9.67 -10.01 10.71
CA THR A 144 -8.45 -10.53 11.31
C THR A 144 -7.89 -9.53 12.32
N ALA A 145 -6.98 -10.03 13.16
CA ALA A 145 -6.38 -9.15 14.18
C ALA A 145 -5.55 -8.06 13.54
N GLN A 146 -5.14 -8.20 12.27
CA GLN A 146 -4.50 -7.11 11.55
C GLN A 146 -5.51 -6.11 10.99
N GLY A 147 -6.75 -6.53 10.80
CA GLY A 147 -7.75 -5.70 10.15
C GLY A 147 -8.51 -6.46 9.09
N GLU A 148 -8.89 -5.78 8.01
CA GLU A 148 -9.74 -6.42 7.00
C GLU A 148 -9.04 -7.62 6.39
N SER A 149 -9.80 -8.71 6.22
CA SER A 149 -9.25 -9.96 5.74
C SER A 149 -9.06 -9.91 4.23
N LEU A 150 -8.36 -10.88 3.69
CA LEU A 150 -8.07 -10.75 2.26
C LEU A 150 -9.19 -11.29 1.39
N VAL A 151 -10.24 -11.87 1.96
CA VAL A 151 -11.21 -12.62 1.17
C VAL A 151 -12.64 -12.19 1.43
N TRP A 152 -12.83 -11.04 2.09
CA TRP A 152 -14.21 -10.59 2.26
C TRP A 152 -14.85 -10.29 0.91
N HIS A 153 -14.04 -10.08 -0.13
CA HIS A 153 -14.62 -9.84 -1.45
C HIS A 153 -15.42 -11.04 -1.94
N PHE A 154 -15.18 -12.25 -1.41
CA PHE A 154 -16.03 -13.38 -1.79
C PHE A 154 -17.49 -13.04 -1.55
N SER A 155 -17.81 -12.52 -0.36
CA SER A 155 -19.20 -12.22 -0.04
C SER A 155 -19.68 -10.95 -0.76
N PHE A 156 -18.84 -9.92 -0.81
CA PHE A 156 -19.21 -8.67 -1.48
C PHE A 156 -19.58 -8.92 -2.93
N PHE A 157 -18.71 -9.64 -3.64
CA PHE A 157 -18.91 -9.90 -5.06
C PHE A 157 -20.06 -10.87 -5.29
N ALA A 158 -20.30 -11.80 -4.35
CA ALA A 158 -21.38 -12.77 -4.53
C ALA A 158 -22.75 -12.25 -4.11
N ALA A 159 -22.80 -11.11 -3.42
CA ALA A 159 -24.07 -10.62 -2.89
C ALA A 159 -25.08 -10.39 -4.01
N ASP A 160 -26.36 -10.57 -3.69
CA ASP A 160 -27.37 -10.40 -4.73
CA ASP A 160 -27.46 -10.40 -4.62
C ASP A 160 -27.72 -8.92 -4.88
N ASP A 161 -28.79 -8.65 -5.65
CA ASP A 161 -29.22 -7.29 -5.99
C ASP A 161 -28.14 -6.51 -6.75
N ARG A 162 -27.20 -7.22 -7.39
CA ARG A 162 -26.06 -6.57 -8.06
C ARG A 162 -25.41 -5.55 -7.14
N LEU A 163 -25.24 -5.91 -5.87
CA LEU A 163 -24.69 -4.98 -4.89
C LEU A 163 -23.35 -4.40 -5.36
N ALA A 164 -22.41 -5.27 -5.78
CA ALA A 164 -21.07 -4.79 -6.11
C ALA A 164 -21.09 -3.90 -7.35
N GLU A 165 -21.77 -4.31 -8.43
CA GLU A 165 -21.83 -3.42 -9.61
C GLU A 165 -22.48 -2.09 -9.26
N THR A 166 -23.50 -2.12 -8.41
CA THR A 166 -24.23 -0.88 -8.14
C THR A 166 -23.36 0.08 -7.34
N LEU A 167 -22.55 -0.43 -6.42
CA LEU A 167 -21.69 0.46 -5.65
C LEU A 167 -20.45 0.88 -6.43
N ILE A 168 -19.91 0.00 -7.28
CA ILE A 168 -18.63 0.26 -7.92
C ILE A 168 -18.75 1.01 -9.25
N ALA A 169 -19.90 0.91 -9.93
CA ALA A 169 -20.08 1.62 -11.20
C ALA A 169 -19.81 3.12 -11.03
N GLY A 170 -19.04 3.69 -11.94
CA GLY A 170 -18.61 5.07 -11.82
C GLY A 170 -17.43 5.29 -10.89
N LYS A 171 -17.03 4.28 -10.12
CA LYS A 171 -15.91 4.35 -9.19
C LYS A 171 -14.92 3.21 -9.43
N GLU A 172 -14.90 2.68 -10.67
CA GLU A 172 -14.14 1.47 -10.96
C GLU A 172 -12.65 1.68 -10.75
N ARG A 173 -12.14 2.84 -11.17
CA ARG A 173 -10.71 3.10 -11.07
C ARG A 173 -10.29 3.26 -9.61
N PHE A 174 -11.11 3.94 -8.81
CA PHE A 174 -10.86 4.04 -7.38
C PHE A 174 -10.88 2.67 -6.72
N PHE A 175 -11.91 1.86 -7.03
CA PHE A 175 -12.02 0.57 -6.36
C PHE A 175 -10.85 -0.33 -6.73
N LEU A 176 -10.49 -0.37 -8.00
CA LEU A 176 -9.47 -1.34 -8.41
C LEU A 176 -8.11 -0.99 -7.81
N GLU A 177 -7.78 0.30 -7.72
CA GLU A 177 -6.52 0.67 -7.08
C GLU A 177 -6.50 0.22 -5.63
N HIS A 178 -7.61 0.46 -4.90
CA HIS A 178 -7.67 0.03 -3.52
C HIS A 178 -7.56 -1.49 -3.44
N PHE A 179 -8.33 -2.20 -4.26
CA PHE A 179 -8.35 -3.66 -4.21
C PHE A 179 -6.97 -4.24 -4.52
N ILE A 180 -6.34 -3.78 -5.60
CA ILE A 180 -5.05 -4.34 -5.98
C ILE A 180 -4.00 -4.05 -4.90
N LYS A 181 -3.89 -2.79 -4.50
CA LYS A 181 -2.84 -2.44 -3.54
C LYS A 181 -3.06 -3.12 -2.18
N SER A 182 -4.32 -3.28 -1.75
CA SER A 182 -4.58 -3.94 -0.48
CA SER A 182 -4.59 -3.95 -0.49
C SER A 182 -4.22 -5.42 -0.51
N HIS A 183 -4.08 -6.01 -1.71
CA HIS A 183 -3.66 -7.40 -1.83
C HIS A 183 -2.19 -7.52 -2.25
N ALA A 184 -1.42 -6.46 -2.14
CA ALA A 184 -0.03 -6.46 -2.57
C ALA A 184 0.92 -6.21 -1.41
N SER A 185 2.14 -6.73 -1.56
CA SER A 185 3.29 -6.38 -0.73
C SER A 185 4.14 -5.31 -1.38
N ASN A 186 4.51 -5.51 -2.66
CA ASN A 186 5.29 -4.54 -3.43
CA ASN A 186 5.28 -4.53 -3.43
C ASN A 186 4.31 -3.67 -4.21
N THR A 187 3.70 -2.72 -3.50
CA THR A 187 2.61 -1.96 -4.11
C THR A 187 3.07 -1.00 -5.20
N GLU A 188 4.35 -0.60 -5.16
N GLU A 188 4.32 -0.57 -5.18
CA GLU A 188 4.88 0.45 -6.02
CA GLU A 188 4.64 0.52 -6.08
C GLU A 188 4.83 0.08 -7.50
C GLU A 188 4.91 0.09 -7.51
N VAL A 189 4.79 -1.22 -7.83
CA VAL A 189 4.74 -1.61 -9.23
C VAL A 189 3.40 -1.22 -9.85
N PHE A 190 2.39 -0.90 -9.04
CA PHE A 190 1.09 -0.52 -9.61
C PHE A 190 1.02 0.99 -9.78
N SER A 191 1.72 1.45 -10.82
CA SER A 191 1.71 2.85 -11.23
C SER A 191 0.30 3.26 -11.63
N GLU A 192 0.06 4.59 -11.59
CA GLU A 192 -1.23 5.10 -12.05
C GLU A 192 -1.48 4.72 -13.50
N ARG A 193 -0.42 4.71 -14.32
CA ARG A 193 -0.56 4.33 -15.73
CA ARG A 193 -0.56 4.34 -15.72
C ARG A 193 -1.04 2.90 -15.89
N LEU A 194 -0.44 1.97 -15.13
CA LEU A 194 -0.84 0.57 -15.23
C LEU A 194 -2.26 0.36 -14.68
N LEU A 195 -2.57 1.00 -13.54
CA LEU A 195 -3.91 0.91 -12.99
C LEU A 195 -4.96 1.46 -13.96
N ASP A 196 -4.62 2.53 -14.69
CA ASP A 196 -5.55 3.07 -15.68
C ASP A 196 -5.91 2.02 -16.72
N LEU A 197 -4.92 1.29 -17.23
CA LEU A 197 -5.16 0.28 -18.24
C LEU A 197 -6.10 -0.81 -17.73
N TYR A 198 -5.81 -1.36 -16.55
CA TYR A 198 -6.66 -2.40 -16.00
C TYR A 198 -8.06 -1.87 -15.68
N ALA A 199 -8.16 -0.67 -15.12
CA ALA A 199 -9.48 -0.15 -14.75
C ALA A 199 -10.34 0.10 -15.97
N ARG A 200 -9.75 0.65 -17.05
CA ARG A 200 -10.56 0.90 -18.23
C ARG A 200 -11.14 -0.39 -18.78
N SER A 201 -10.42 -1.50 -18.66
CA SER A 201 -10.93 -2.76 -19.19
C SER A 201 -12.09 -3.31 -18.37
N TYR A 202 -11.93 -3.40 -17.04
CA TYR A 202 -12.98 -4.02 -16.27
C TYR A 202 -14.14 -3.07 -16.00
N ALA A 203 -14.01 -1.78 -16.34
CA ALA A 203 -15.13 -0.87 -16.26
C ALA A 203 -16.15 -1.04 -17.39
N LYS A 204 -15.83 -1.74 -18.47
CA LYS A 204 -16.87 -2.05 -19.43
C LYS A 204 -18.02 -2.73 -18.69
N PRO A 205 -19.25 -2.27 -18.84
CA PRO A 205 -20.33 -2.81 -17.98
C PRO A 205 -20.45 -4.33 -18.00
N HIS A 206 -20.30 -4.96 -19.18
CA HIS A 206 -20.40 -6.42 -19.18
C HIS A 206 -19.21 -7.06 -18.50
N SER A 207 -18.07 -6.36 -18.42
CA SER A 207 -16.88 -6.93 -17.77
C SER A 207 -16.94 -6.75 -16.27
N LEU A 208 -17.45 -5.60 -15.81
CA LEU A 208 -17.69 -5.43 -14.39
C LEU A 208 -18.65 -6.48 -13.87
N ASN A 209 -19.72 -6.73 -14.63
CA ASN A 209 -20.67 -7.76 -14.22
C ASN A 209 -20.06 -9.14 -14.31
N ALA A 210 -19.37 -9.43 -15.42
CA ALA A 210 -18.73 -10.75 -15.56
C ALA A 210 -17.80 -11.03 -14.38
N SER A 211 -17.01 -10.02 -13.97
CA SER A 211 -16.08 -10.19 -12.85
C SER A 211 -16.77 -10.79 -11.63
N PHE A 212 -17.95 -10.27 -11.30
CA PHE A 212 -18.64 -10.70 -10.10
C PHE A 212 -19.43 -11.98 -10.30
N GLU A 213 -19.82 -12.30 -11.53
CA GLU A 213 -20.56 -13.53 -11.77
C GLU A 213 -19.70 -14.75 -11.45
N TYR A 214 -18.37 -14.63 -11.60
CA TYR A 214 -17.48 -15.72 -11.20
C TYR A 214 -17.63 -16.05 -9.73
N TYR A 215 -17.86 -15.02 -8.91
CA TYR A 215 -18.05 -15.21 -7.47
C TYR A 215 -19.46 -15.64 -7.16
N ARG A 216 -20.44 -15.17 -7.92
CA ARG A 216 -21.81 -15.64 -7.75
C ARG A 216 -21.96 -17.12 -8.09
N ALA A 217 -21.03 -17.67 -8.85
CA ALA A 217 -21.00 -19.10 -9.16
C ALA A 217 -20.06 -19.89 -8.26
N LEU A 218 -19.41 -19.24 -7.29
CA LEU A 218 -18.38 -19.92 -6.49
C LEU A 218 -18.94 -21.12 -5.73
N ASN A 219 -20.13 -20.98 -5.14
CA ASN A 219 -20.69 -22.12 -4.41
C ASN A 219 -21.00 -23.28 -5.34
N GLU A 220 -21.51 -22.98 -6.54
CA GLU A 220 -21.70 -24.04 -7.54
C GLU A 220 -20.38 -24.70 -7.89
N SER A 221 -19.30 -23.92 -8.04
CA SER A 221 -17.99 -24.49 -8.35
C SER A 221 -17.49 -25.39 -7.23
N VAL A 222 -17.71 -24.99 -5.98
CA VAL A 222 -17.40 -25.86 -4.85
C VAL A 222 -18.15 -27.19 -4.98
N ARG A 223 -19.45 -27.11 -5.30
CA ARG A 223 -20.24 -28.33 -5.40
C ARG A 223 -19.76 -29.21 -6.53
N GLN A 224 -19.36 -28.59 -7.64
CA GLN A 224 -18.81 -29.34 -8.77
C GLN A 224 -17.53 -30.04 -8.36
N ASN A 225 -16.63 -29.33 -7.66
CA ASN A 225 -15.32 -29.87 -7.35
C ASN A 225 -15.36 -30.94 -6.29
N ALA A 226 -16.43 -30.99 -5.48
CA ALA A 226 -16.56 -32.08 -4.51
C ALA A 226 -16.63 -33.43 -5.20
N GLU A 227 -17.21 -33.47 -6.40
CA GLU A 227 -17.23 -34.70 -7.18
C GLU A 227 -15.92 -34.91 -7.93
N LEU A 228 -15.43 -33.86 -8.61
CA LEU A 228 -14.24 -34.01 -9.43
C LEU A 228 -13.03 -34.41 -8.60
N ALA A 229 -12.93 -33.92 -7.37
CA ALA A 229 -11.74 -34.16 -6.54
C ALA A 229 -11.59 -35.61 -6.12
N LYS A 230 -12.55 -36.48 -6.46
CA LYS A 230 -12.39 -37.90 -6.17
C LYS A 230 -11.29 -38.55 -6.99
N THR A 231 -10.76 -37.85 -7.99
CA THR A 231 -9.60 -38.31 -8.75
C THR A 231 -8.47 -37.30 -8.56
N ARG A 232 -7.35 -37.75 -8.02
CA ARG A 232 -6.20 -36.87 -7.84
C ARG A 232 -5.52 -36.58 -9.18
N LEU A 233 -4.91 -35.39 -9.26
CA LEU A 233 -4.13 -35.02 -10.44
C LEU A 233 -2.82 -35.79 -10.49
N GLN A 234 -2.47 -36.29 -11.69
CA GLN A 234 -1.29 -37.13 -11.85
C GLN A 234 -0.11 -36.43 -12.52
N MET A 235 -0.31 -35.26 -13.13
CA MET A 235 0.79 -34.65 -13.87
C MET A 235 1.66 -33.79 -12.95
N PRO A 236 2.90 -33.50 -13.35
CA PRO A 236 3.75 -32.63 -12.51
C PRO A 236 3.10 -31.27 -12.31
N THR A 237 3.04 -30.84 -11.05
CA THR A 237 2.41 -29.58 -10.66
CA THR A 237 2.45 -29.56 -10.71
C THR A 237 3.38 -28.77 -9.80
N MET A 238 3.31 -27.44 -9.94
CA MET A 238 4.02 -26.51 -9.10
C MET A 238 3.05 -25.45 -8.61
N THR A 239 3.10 -25.11 -7.33
CA THR A 239 2.31 -24.01 -6.81
C THR A 239 3.24 -22.86 -6.44
N LEU A 240 2.78 -21.64 -6.67
CA LEU A 240 3.44 -20.44 -6.20
C LEU A 240 2.48 -19.63 -5.34
N ALA A 241 3.02 -19.02 -4.29
CA ALA A 241 2.23 -18.15 -3.43
C ALA A 241 3.14 -17.04 -2.94
N GLY A 242 2.56 -15.86 -2.71
CA GLY A 242 3.30 -14.81 -2.05
C GLY A 242 3.42 -15.07 -0.56
N GLY A 243 4.56 -14.64 0.01
CA GLY A 243 4.81 -14.72 1.44
C GLY A 243 4.52 -13.43 2.16
N GLY A 244 4.31 -12.36 1.39
CA GLY A 244 4.05 -11.05 1.95
C GLY A 244 2.57 -10.74 2.09
N HIS A 245 2.28 -9.46 2.36
CA HIS A 245 0.90 -9.01 2.50
C HIS A 245 0.12 -9.31 1.23
N GLY A 246 -0.98 -10.04 1.38
CA GLY A 246 -1.77 -10.45 0.23
C GLY A 246 -1.47 -11.86 -0.25
N GLY A 247 -0.39 -12.45 0.23
CA GLY A 247 -0.01 -13.78 -0.22
C GLY A 247 -0.78 -14.87 0.51
N MET A 248 -0.94 -16.00 -0.18
CA MET A 248 -1.55 -17.16 0.44
C MET A 248 -0.60 -17.96 1.30
N GLY A 249 0.71 -17.69 1.25
CA GLY A 249 1.64 -18.38 2.13
C GLY A 249 1.61 -19.89 1.91
N THR A 250 1.67 -20.63 3.01
CA THR A 250 1.76 -22.09 2.90
C THR A 250 0.45 -22.75 2.48
N PHE A 251 -0.67 -22.02 2.48
CA PHE A 251 -1.96 -22.64 2.18
C PHE A 251 -1.98 -23.20 0.75
N GLN A 252 -1.33 -22.51 -0.18
CA GLN A 252 -1.42 -22.90 -1.59
C GLN A 252 -0.89 -24.31 -1.78
N LEU A 253 0.32 -24.59 -1.30
CA LEU A 253 0.88 -25.93 -1.40
C LEU A 253 0.10 -26.93 -0.57
N GLU A 254 -0.30 -26.54 0.65
CA GLU A 254 -0.90 -27.52 1.54
C GLU A 254 -2.25 -28.00 0.99
N GLN A 255 -3.04 -27.10 0.39
CA GLN A 255 -4.27 -27.55 -0.25
C GLN A 255 -3.98 -28.39 -1.48
N MET A 256 -3.00 -27.96 -2.30
CA MET A 256 -2.72 -28.70 -3.54
C MET A 256 -2.28 -30.12 -3.27
N LYS A 257 -1.63 -30.37 -2.12
CA LYS A 257 -1.21 -31.74 -1.80
C LYS A 257 -2.40 -32.69 -1.69
N ALA A 258 -3.58 -32.17 -1.36
CA ALA A 258 -4.78 -33.00 -1.35
C ALA A 258 -5.30 -33.31 -2.75
N TYR A 259 -4.88 -32.53 -3.74
CA TYR A 259 -5.37 -32.66 -5.10
C TYR A 259 -4.39 -33.29 -6.07
N ALA A 260 -3.09 -33.35 -5.75
CA ALA A 260 -2.10 -33.73 -6.74
C ALA A 260 -1.08 -34.68 -6.13
N GLU A 261 -0.72 -35.71 -6.91
CA GLU A 261 0.26 -36.68 -6.46
C GLU A 261 1.67 -36.15 -6.54
N ASP A 262 1.95 -35.27 -7.48
CA ASP A 262 3.31 -34.80 -7.79
C ASP A 262 3.29 -33.28 -7.76
N VAL A 263 3.66 -32.68 -6.63
CA VAL A 263 3.56 -31.24 -6.49
C VAL A 263 4.76 -30.72 -5.70
N GLU A 264 5.32 -29.62 -6.16
CA GLU A 264 6.27 -28.83 -5.40
C GLU A 264 5.71 -27.42 -5.28
N GLY A 265 6.02 -26.76 -4.17
CA GLY A 265 5.47 -25.45 -3.91
C GLY A 265 6.55 -24.48 -3.49
N HIS A 266 6.32 -23.20 -3.80
CA HIS A 266 7.21 -22.13 -3.40
C HIS A 266 6.42 -20.98 -2.82
N VAL A 267 6.98 -20.37 -1.77
CA VAL A 267 6.45 -19.14 -1.18
C VAL A 267 7.47 -18.05 -1.41
N LEU A 268 7.06 -16.97 -2.07
CA LEU A 268 7.99 -15.92 -2.49
C LEU A 268 7.97 -14.79 -1.48
N PRO A 269 9.06 -14.55 -0.76
CA PRO A 269 9.04 -13.52 0.30
C PRO A 269 8.95 -12.12 -0.28
N GLY A 270 8.26 -11.24 0.46
CA GLY A 270 8.14 -9.87 0.00
C GLY A 270 7.23 -9.68 -1.18
N CYS A 271 6.40 -10.68 -1.48
CA CYS A 271 5.51 -10.68 -2.63
C CYS A 271 4.11 -10.98 -2.12
N GLY A 272 3.13 -10.24 -2.66
CA GLY A 272 1.75 -10.49 -2.26
C GLY A 272 0.98 -11.33 -3.25
N HIS A 273 -0.20 -10.84 -3.67
CA HIS A 273 -1.03 -11.62 -4.58
C HIS A 273 -0.56 -11.55 -6.03
N TRP A 274 -0.04 -10.40 -6.45
CA TRP A 274 0.12 -10.10 -7.88
C TRP A 274 1.51 -10.51 -8.35
N LEU A 275 1.79 -11.82 -8.28
CA LEU A 275 3.18 -12.26 -8.45
C LEU A 275 3.84 -11.85 -9.76
N PRO A 276 3.20 -11.93 -10.93
CA PRO A 276 3.90 -11.56 -12.17
C PRO A 276 4.41 -10.12 -12.17
N GLU A 277 3.74 -9.23 -11.46
CA GLU A 277 4.11 -7.82 -11.43
C GLU A 277 4.94 -7.44 -10.20
N GLU A 278 4.58 -7.97 -9.03
CA GLU A 278 5.32 -7.64 -7.81
C GLU A 278 6.69 -8.31 -7.76
N CYS A 279 6.81 -9.50 -8.32
CA CYS A 279 8.01 -10.30 -8.17
C CYS A 279 8.32 -11.02 -9.49
N ALA A 280 8.43 -10.22 -10.56
CA ALA A 280 8.59 -10.76 -11.92
C ALA A 280 9.83 -11.64 -12.06
N ALA A 281 10.97 -11.18 -11.56
CA ALA A 281 12.20 -11.96 -11.79
C ALA A 281 12.14 -13.34 -11.14
N PRO A 282 11.88 -13.49 -9.84
CA PRO A 282 11.86 -14.86 -9.30
C PRO A 282 10.68 -15.67 -9.81
N MET A 283 9.51 -15.05 -10.01
CA MET A 283 8.35 -15.80 -10.49
C MET A 283 8.58 -16.31 -11.90
N ASN A 284 9.05 -15.45 -12.79
CA ASN A 284 9.30 -15.89 -14.16
C ASN A 284 10.33 -17.01 -14.20
N ARG A 285 11.39 -16.88 -13.40
CA ARG A 285 12.42 -17.92 -13.38
C ARG A 285 11.82 -19.25 -12.92
N LEU A 286 11.01 -19.22 -11.86
CA LEU A 286 10.42 -20.46 -11.35
C LEU A 286 9.55 -21.13 -12.41
N VAL A 287 8.74 -20.33 -13.12
CA VAL A 287 7.83 -20.90 -14.12
C VAL A 287 8.61 -21.45 -15.32
N ILE A 288 9.56 -20.67 -15.83
CA ILE A 288 10.33 -21.11 -17.00
C ILE A 288 11.08 -22.39 -16.69
N ASP A 289 11.77 -22.43 -15.54
CA ASP A 289 12.51 -23.63 -15.17
C ASP A 289 11.59 -24.83 -15.03
N PHE A 290 10.41 -24.65 -14.41
CA PHE A 290 9.56 -25.80 -14.17
C PHE A 290 9.01 -26.36 -15.49
N LEU A 291 8.58 -25.48 -16.40
CA LEU A 291 8.06 -25.92 -17.68
C LEU A 291 9.15 -26.44 -18.59
N SER A 292 10.39 -26.00 -18.38
CA SER A 292 11.47 -26.45 -19.25
C SER A 292 12.02 -27.81 -18.86
N ARG A 293 11.60 -28.38 -17.74
CA ARG A 293 11.95 -29.78 -17.46
C ARG A 293 11.35 -30.70 -18.51
N GLY A 294 10.10 -30.44 -18.93
CA GLY A 294 9.52 -31.15 -20.05
C GLY A 294 10.07 -30.64 -21.38
N ARG A 295 9.82 -31.41 -22.43
CA ARG A 295 10.38 -31.10 -23.74
C ARG A 295 9.87 -29.76 -24.25
N HIS A 296 10.72 -29.06 -25.00
CA HIS A 296 10.41 -27.73 -25.49
C HIS A 296 11.23 -27.45 -26.74
N HIS A 297 10.81 -26.43 -27.48
CA HIS A 297 11.50 -26.00 -28.70
C HIS A 297 12.95 -25.60 -28.41
N ALA B 1 -36.66 19.69 11.75
CA ALA B 1 -35.39 19.62 12.47
C ALA B 1 -35.15 18.20 12.97
N GLU B 2 -36.17 17.61 13.59
CA GLU B 2 -36.04 16.25 14.10
C GLU B 2 -35.93 15.25 12.97
N GLU B 3 -34.95 14.37 13.03
CA GLU B 3 -34.80 13.34 12.01
C GLU B 3 -35.88 12.27 12.12
N PHE B 4 -36.39 12.03 13.33
CA PHE B 4 -37.37 10.98 13.59
C PHE B 4 -38.45 11.50 14.52
N PRO B 5 -39.69 11.03 14.37
CA PRO B 5 -40.79 11.55 15.20
C PRO B 5 -40.67 11.08 16.65
N VAL B 6 -40.84 12.01 17.57
CA VAL B 6 -40.67 11.75 19.01
C VAL B 6 -42.01 11.24 19.55
N PRO B 7 -42.04 10.19 20.37
CA PRO B 7 -43.32 9.73 20.93
C PRO B 7 -43.89 10.73 21.93
N ASN B 8 -45.22 10.69 22.07
CA ASN B 8 -45.89 11.57 23.03
C ASN B 8 -45.38 11.32 24.44
N GLY B 9 -45.20 12.40 25.19
CA GLY B 9 -44.63 12.32 26.51
C GLY B 9 -43.11 12.27 26.56
N PHE B 10 -42.44 12.29 25.42
CA PHE B 10 -40.98 12.30 25.39
C PHE B 10 -40.49 13.64 24.85
N GLU B 11 -39.25 13.98 25.22
CA GLU B 11 -38.61 15.20 24.75
C GLU B 11 -37.31 14.85 24.03
N SER B 12 -37.09 15.53 22.91
CA SER B 12 -35.82 15.48 22.21
C SER B 12 -34.94 16.61 22.75
N ALA B 13 -33.73 16.27 23.18
CA ALA B 13 -32.90 17.26 23.87
C ALA B 13 -31.43 16.94 23.65
N TYR B 14 -30.57 17.80 24.20
CA TYR B 14 -29.14 17.69 24.02
C TYR B 14 -28.43 17.98 25.34
N ARG B 15 -27.30 17.30 25.54
CA ARG B 15 -26.42 17.62 26.66
C ARG B 15 -24.99 17.61 26.16
N GLU B 16 -24.20 18.57 26.64
CA GLU B 16 -22.78 18.56 26.35
C GLU B 16 -22.07 17.62 27.31
N VAL B 17 -21.28 16.70 26.77
CA VAL B 17 -20.50 15.76 27.55
C VAL B 17 -19.08 15.79 27.01
N ASP B 18 -18.14 16.31 27.81
CA ASP B 18 -16.74 16.39 27.40
C ASP B 18 -16.60 17.13 26.06
N GLY B 19 -17.33 18.22 25.91
CA GLY B 19 -17.23 19.04 24.72
C GLY B 19 -17.93 18.49 23.50
N VAL B 20 -18.73 17.44 23.65
CA VAL B 20 -19.45 16.81 22.54
C VAL B 20 -20.94 16.95 22.83
N LYS B 21 -21.68 17.54 21.89
CA LYS B 21 -23.12 17.75 22.07
C LYS B 21 -23.87 16.48 21.66
N LEU B 22 -24.41 15.78 22.64
CA LEU B 22 -25.09 14.51 22.43
C LEU B 22 -26.60 14.73 22.36
N HIS B 23 -27.24 14.13 21.37
CA HIS B 23 -28.69 14.16 21.25
C HIS B 23 -29.29 12.94 21.92
N TYR B 24 -30.44 13.12 22.57
CA TYR B 24 -31.15 11.99 23.15
C TYR B 24 -32.64 12.31 23.17
N VAL B 25 -33.44 11.28 23.37
CA VAL B 25 -34.89 11.40 23.57
C VAL B 25 -35.19 10.77 24.93
N LYS B 26 -35.92 11.50 25.77
CA LYS B 26 -36.09 11.14 27.17
C LYS B 26 -37.55 11.29 27.60
N GLY B 27 -38.01 10.37 28.44
CA GLY B 27 -39.33 10.45 29.02
C GLY B 27 -39.48 9.47 30.16
N GLY B 28 -40.57 9.62 30.91
CA GLY B 28 -40.89 8.70 31.98
C GLY B 28 -40.44 9.19 33.34
N GLN B 29 -40.69 8.35 34.34
CA GLN B 29 -40.39 8.63 35.74
C GLN B 29 -39.91 7.35 36.39
N GLY B 30 -39.00 7.48 37.37
CA GLY B 30 -38.46 6.34 38.08
C GLY B 30 -36.98 6.12 37.80
N PRO B 31 -36.46 4.95 38.17
CA PRO B 31 -35.05 4.65 37.91
C PRO B 31 -34.72 4.76 36.42
N LEU B 32 -33.46 5.08 36.13
CA LEU B 32 -33.07 5.36 34.75
C LEU B 32 -32.77 4.07 34.00
N VAL B 33 -33.29 3.98 32.76
CA VAL B 33 -32.87 2.98 31.78
C VAL B 33 -32.33 3.72 30.57
N MET B 34 -31.10 3.39 30.17
CA MET B 34 -30.50 3.93 28.95
C MET B 34 -30.51 2.87 27.87
N LEU B 35 -31.02 3.22 26.69
CA LEU B 35 -31.15 2.33 25.54
C LEU B 35 -30.19 2.81 24.47
N VAL B 36 -29.31 1.94 23.98
CA VAL B 36 -28.22 2.35 23.09
C VAL B 36 -28.33 1.58 21.78
N HIS B 37 -28.55 2.31 20.68
CA HIS B 37 -28.75 1.76 19.35
C HIS B 37 -27.44 1.29 18.71
N GLY B 38 -27.57 0.73 17.51
CA GLY B 38 -26.42 0.22 16.78
C GLY B 38 -26.29 0.76 15.36
N PHE B 39 -25.52 0.05 14.54
CA PHE B 39 -25.21 0.53 13.20
C PHE B 39 -26.44 0.57 12.31
N GLY B 40 -26.51 1.60 11.47
CA GLY B 40 -27.60 1.77 10.53
C GLY B 40 -28.79 2.48 11.11
N GLN B 41 -28.78 2.74 12.41
CA GLN B 41 -29.98 3.17 13.11
C GLN B 41 -29.61 4.31 14.05
N THR B 42 -30.59 4.71 14.85
CA THR B 42 -30.49 5.85 15.76
C THR B 42 -31.31 5.47 16.99
N TRP B 43 -31.49 6.45 17.89
CA TRP B 43 -32.40 6.25 19.03
C TRP B 43 -33.75 5.69 18.60
N TYR B 44 -34.18 5.97 17.36
CA TYR B 44 -35.55 5.68 16.95
C TYR B 44 -35.87 4.19 16.94
N GLU B 45 -34.84 3.33 16.87
CA GLU B 45 -35.16 1.90 16.88
C GLU B 45 -35.84 1.51 18.19
N TRP B 46 -35.70 2.32 19.22
CA TRP B 46 -36.30 2.06 20.51
C TRP B 46 -37.69 2.68 20.68
N HIS B 47 -38.25 3.30 19.63
CA HIS B 47 -39.41 4.16 19.86
C HIS B 47 -40.67 3.38 20.24
N GLN B 48 -40.73 2.08 19.97
CA GLN B 48 -41.88 1.29 20.41
C GLN B 48 -41.72 0.80 21.84
N LEU B 49 -40.48 0.48 22.24
CA LEU B 49 -40.23 0.03 23.61
C LEU B 49 -40.34 1.19 24.59
N MET B 50 -39.89 2.39 24.17
CA MET B 50 -39.78 3.53 25.08
C MET B 50 -41.06 3.87 25.84
N PRO B 51 -42.23 4.00 25.21
CA PRO B 51 -43.43 4.36 25.99
C PRO B 51 -43.85 3.29 26.98
N GLU B 52 -43.61 2.02 26.67
CA GLU B 52 -43.92 0.96 27.62
C GLU B 52 -42.99 1.00 28.83
N LEU B 53 -41.69 1.17 28.59
CA LEU B 53 -40.75 1.28 29.70
C LEU B 53 -40.99 2.55 30.50
N ALA B 54 -41.45 3.62 29.86
CA ALA B 54 -41.66 4.89 30.54
C ALA B 54 -42.76 4.82 31.59
N LYS B 55 -43.53 3.73 31.63
CA LYS B 55 -44.54 3.58 32.67
C LYS B 55 -43.94 3.27 34.03
N ARG B 56 -42.70 2.74 34.07
CA ARG B 56 -42.05 2.35 35.30
C ARG B 56 -40.65 2.93 35.47
N PHE B 57 -40.08 3.53 34.44
CA PHE B 57 -38.69 4.00 34.46
C PHE B 57 -38.60 5.36 33.78
N THR B 58 -37.56 6.10 34.14
CA THR B 58 -37.09 7.19 33.30
C THR B 58 -36.28 6.58 32.18
N VAL B 59 -36.61 6.92 30.94
CA VAL B 59 -36.01 6.28 29.77
C VAL B 59 -35.25 7.32 28.97
N ILE B 60 -33.98 7.03 28.67
CA ILE B 60 -33.18 7.90 27.82
C ILE B 60 -32.60 7.05 26.68
N ALA B 61 -32.73 7.56 25.45
CA ALA B 61 -32.20 6.89 24.26
C ALA B 61 -31.31 7.87 23.51
N PRO B 62 -30.00 7.79 23.70
CA PRO B 62 -29.08 8.72 23.00
C PRO B 62 -28.78 8.26 21.59
N ASP B 63 -28.39 9.23 20.76
CA ASP B 63 -27.72 8.92 19.50
C ASP B 63 -26.22 8.75 19.79
N LEU B 64 -25.65 7.67 19.26
CA LEU B 64 -24.22 7.43 19.40
C LEU B 64 -23.45 8.59 18.78
N PRO B 65 -22.29 8.94 19.34
CA PRO B 65 -21.48 10.04 18.79
C PRO B 65 -21.30 9.93 17.28
N GLY B 66 -21.59 11.03 16.60
CA GLY B 66 -21.47 11.09 15.15
C GLY B 66 -22.69 10.59 14.40
N LEU B 67 -23.57 9.84 15.04
CA LEU B 67 -24.76 9.29 14.42
C LEU B 67 -26.00 10.05 14.88
N GLY B 68 -27.09 9.86 14.15
CA GLY B 68 -28.30 10.62 14.37
C GLY B 68 -28.00 12.11 14.46
N GLN B 69 -28.37 12.74 15.56
CA GLN B 69 -28.14 14.16 15.76
C GLN B 69 -27.04 14.44 16.79
N SER B 70 -26.20 13.46 17.10
CA SER B 70 -25.11 13.64 18.05
C SER B 70 -23.82 14.04 17.32
N GLU B 71 -23.06 14.96 17.91
CA GLU B 71 -21.79 15.34 17.35
C GLU B 71 -20.81 14.18 17.41
N PRO B 72 -19.86 14.12 16.48
CA PRO B 72 -18.80 13.09 16.57
C PRO B 72 -18.03 13.20 17.87
N PRO B 73 -17.40 12.12 18.30
CA PRO B 73 -16.53 12.19 19.47
C PRO B 73 -15.30 13.02 19.17
N LYS B 74 -14.79 13.69 20.19
CA LYS B 74 -13.55 14.45 20.07
C LYS B 74 -12.33 13.65 20.50
N THR B 75 -12.52 12.50 21.13
CA THR B 75 -11.41 11.61 21.46
C THR B 75 -11.20 10.55 20.38
N GLY B 76 -12.16 9.66 20.20
CA GLY B 76 -12.05 8.64 19.19
C GLY B 76 -13.23 7.70 19.29
N TYR B 77 -13.21 6.68 18.42
CA TYR B 77 -14.34 5.78 18.24
C TYR B 77 -14.13 4.40 18.87
N SER B 78 -13.04 4.17 19.60
CA SER B 78 -12.89 2.90 20.27
C SER B 78 -13.92 2.76 21.39
N GLY B 79 -14.18 1.51 21.78
CA GLY B 79 -15.20 1.27 22.79
C GLY B 79 -14.94 2.01 24.08
N GLU B 80 -13.68 2.06 24.53
CA GLU B 80 -13.40 2.73 25.79
C GLU B 80 -13.62 4.23 25.67
N GLN B 81 -13.28 4.81 24.52
CA GLN B 81 -13.47 6.25 24.35
C GLN B 81 -14.95 6.59 24.27
N VAL B 82 -15.74 5.81 23.54
CA VAL B 82 -17.13 6.15 23.35
C VAL B 82 -17.90 5.91 24.63
N ALA B 83 -17.55 4.83 25.34
CA ALA B 83 -18.23 4.51 26.59
C ALA B 83 -18.13 5.64 27.61
N VAL B 84 -17.06 6.45 27.56
CA VAL B 84 -16.96 7.57 28.51
C VAL B 84 -18.13 8.53 28.30
N TYR B 85 -18.45 8.84 27.04
CA TYR B 85 -19.53 9.77 26.75
C TYR B 85 -20.86 9.23 27.25
N LEU B 86 -21.13 7.95 26.98
CA LEU B 86 -22.39 7.35 27.37
C LEU B 86 -22.52 7.23 28.88
N HIS B 87 -21.43 6.87 29.55
CA HIS B 87 -21.46 6.76 31.01
C HIS B 87 -21.71 8.13 31.64
N LYS B 88 -21.00 9.15 31.18
CA LYS B 88 -21.18 10.47 31.77
C LYS B 88 -22.56 11.04 31.46
N LEU B 89 -23.08 10.78 30.27
CA LEU B 89 -24.46 11.16 29.97
C LEU B 89 -25.44 10.52 30.95
N ALA B 90 -25.33 9.21 31.15
CA ALA B 90 -26.23 8.53 32.07
C ALA B 90 -26.11 9.10 33.47
N ARG B 91 -24.88 9.40 33.90
CA ARG B 91 -24.66 9.89 35.26
C ARG B 91 -25.21 11.29 35.47
N GLN B 92 -25.33 12.09 34.41
CA GLN B 92 -26.02 13.38 34.57
C GLN B 92 -27.46 13.19 35.02
N PHE B 93 -28.09 12.09 34.62
CA PHE B 93 -29.49 11.89 34.96
C PHE B 93 -29.73 10.91 36.09
N SER B 94 -28.74 10.10 36.45
CA SER B 94 -28.85 9.15 37.56
C SER B 94 -27.58 9.21 38.41
N PRO B 95 -27.30 10.35 39.04
CA PRO B 95 -26.04 10.47 39.80
C PRO B 95 -26.02 9.67 41.10
N ASP B 96 -27.18 9.33 41.66
CA ASP B 96 -27.24 8.77 43.00
C ASP B 96 -27.72 7.33 43.07
N ARG B 97 -28.10 6.75 41.94
CA ARG B 97 -28.61 5.39 41.87
C ARG B 97 -27.96 4.70 40.68
N PRO B 98 -27.76 3.39 40.74
CA PRO B 98 -27.38 2.66 39.52
C PRO B 98 -28.51 2.70 38.52
N PHE B 99 -28.15 2.59 37.25
CA PHE B 99 -29.12 2.68 36.16
C PHE B 99 -29.05 1.39 35.34
N ASP B 100 -30.12 1.14 34.59
CA ASP B 100 -30.19 -0.01 33.69
C ASP B 100 -29.68 0.35 32.31
N LEU B 101 -29.17 -0.65 31.61
CA LEU B 101 -28.60 -0.45 30.30
C LEU B 101 -29.12 -1.52 29.36
N VAL B 102 -29.61 -1.10 28.21
CA VAL B 102 -30.02 -1.99 27.12
C VAL B 102 -29.25 -1.55 25.89
N ALA B 103 -28.59 -2.48 25.22
CA ALA B 103 -27.77 -2.14 24.05
C ALA B 103 -27.92 -3.17 22.95
N HIS B 104 -27.85 -2.69 21.71
CA HIS B 104 -28.05 -3.46 20.48
C HIS B 104 -26.86 -3.23 19.56
N ASP B 105 -26.31 -4.31 19.00
CA ASP B 105 -25.29 -4.21 17.94
C ASP B 105 -24.10 -3.41 18.48
N ILE B 106 -23.59 -2.40 17.78
CA ILE B 106 -22.39 -1.73 18.28
C ILE B 106 -22.67 -0.90 19.53
N GLY B 107 -23.93 -0.76 19.93
CA GLY B 107 -24.20 -0.24 21.27
C GLY B 107 -23.53 -1.04 22.36
N ILE B 108 -23.38 -2.36 22.13
CA ILE B 108 -22.61 -3.21 23.05
C ILE B 108 -21.15 -2.79 23.08
N TRP B 109 -20.55 -2.64 21.90
CA TRP B 109 -19.14 -2.26 21.82
C TRP B 109 -18.88 -0.97 22.58
N ASN B 110 -19.81 -0.04 22.48
CA ASN B 110 -19.68 1.30 23.03
C ASN B 110 -20.13 1.41 24.47
N THR B 111 -20.59 0.33 25.08
CA THR B 111 -20.95 0.39 26.50
C THR B 111 -20.21 -0.62 27.38
N TYR B 112 -19.78 -1.75 26.82
CA TYR B 112 -19.12 -2.77 27.66
C TYR B 112 -18.01 -2.20 28.53
N PRO B 113 -17.10 -1.35 28.03
CA PRO B 113 -16.04 -0.85 28.92
C PRO B 113 -16.54 -0.05 30.10
N MET B 114 -17.57 0.77 29.93
CA MET B 114 -18.03 1.53 31.09
C MET B 114 -18.82 0.66 32.05
N VAL B 115 -19.41 -0.44 31.57
CA VAL B 115 -20.07 -1.38 32.48
C VAL B 115 -19.02 -2.08 33.34
N VAL B 116 -17.98 -2.63 32.72
CA VAL B 116 -17.00 -3.39 33.49
C VAL B 116 -16.22 -2.48 34.44
N LYS B 117 -15.99 -1.22 34.06
CA LYS B 117 -15.22 -0.32 34.91
C LYS B 117 -16.05 0.40 35.96
N ASN B 118 -17.38 0.42 35.84
CA ASN B 118 -18.24 1.13 36.77
C ASN B 118 -19.41 0.26 37.20
N GLN B 119 -19.09 -0.95 37.69
CA GLN B 119 -20.13 -1.95 37.93
C GLN B 119 -21.15 -1.49 38.95
N ALA B 120 -20.73 -0.71 39.95
CA ALA B 120 -21.69 -0.22 40.94
C ALA B 120 -22.71 0.73 40.33
N ASP B 121 -22.44 1.27 39.15
CA ASP B 121 -23.37 2.16 38.47
C ASP B 121 -24.40 1.43 37.64
N ILE B 122 -24.26 0.13 37.42
CA ILE B 122 -25.11 -0.61 36.50
C ILE B 122 -25.97 -1.57 37.32
N ALA B 123 -27.29 -1.35 37.32
CA ALA B 123 -28.17 -2.22 38.08
C ALA B 123 -28.42 -3.53 37.35
N ARG B 124 -28.91 -3.43 36.11
CA ARG B 124 -29.22 -4.58 35.27
C ARG B 124 -28.85 -4.25 33.84
N LEU B 125 -28.47 -5.28 33.09
CA LEU B 125 -27.87 -5.13 31.77
C LEU B 125 -28.58 -6.03 30.77
N VAL B 126 -28.95 -5.48 29.62
CA VAL B 126 -29.54 -6.27 28.53
C VAL B 126 -28.73 -6.03 27.27
N TYR B 127 -28.17 -7.10 26.70
CA TYR B 127 -27.35 -7.01 25.50
C TYR B 127 -27.99 -7.85 24.41
N MET B 128 -28.10 -7.30 23.19
CA MET B 128 -28.70 -8.07 22.11
C MET B 128 -27.94 -7.87 20.81
N GLN B 129 -27.73 -8.98 20.08
CA GLN B 129 -27.33 -8.99 18.68
C GLN B 129 -26.02 -8.22 18.42
N ALA B 130 -24.96 -8.63 19.13
CA ALA B 130 -23.59 -8.30 18.72
C ALA B 130 -22.60 -9.02 19.62
N PRO B 131 -21.48 -9.46 19.07
CA PRO B 131 -20.40 -9.94 19.95
C PRO B 131 -19.80 -8.79 20.73
N ILE B 132 -19.49 -9.06 21.99
CA ILE B 132 -18.51 -8.20 22.65
C ILE B 132 -17.20 -8.32 21.88
N PRO B 133 -16.51 -7.21 21.55
CA PRO B 133 -15.27 -7.33 20.77
C PRO B 133 -14.22 -8.11 21.51
N ASP B 134 -13.89 -9.30 21.01
CA ASP B 134 -12.80 -10.11 21.54
C ASP B 134 -12.36 -11.05 20.43
N ALA B 135 -11.42 -11.94 20.75
CA ALA B 135 -10.79 -12.74 19.71
C ALA B 135 -11.77 -13.67 19.01
N ARG B 136 -12.95 -13.91 19.60
CA ARG B 136 -13.94 -14.76 18.95
C ARG B 136 -14.35 -14.24 17.59
N ILE B 137 -14.31 -12.91 17.39
CA ILE B 137 -14.75 -12.36 16.11
C ILE B 137 -13.83 -12.76 14.98
N TYR B 138 -12.62 -13.23 15.28
CA TYR B 138 -11.68 -13.61 14.24
C TYR B 138 -11.96 -15.00 13.66
N ARG B 139 -12.96 -15.70 14.19
CA ARG B 139 -13.38 -16.99 13.68
C ARG B 139 -14.58 -16.93 12.75
N PHE B 140 -15.30 -15.81 12.72
CA PHE B 140 -16.49 -15.70 11.87
C PHE B 140 -16.10 -15.86 10.41
N PRO B 141 -16.80 -16.69 9.62
CA PRO B 141 -16.39 -16.95 8.24
CA PRO B 141 -16.38 -16.94 8.24
C PRO B 141 -16.71 -15.79 7.30
N ALA B 142 -15.80 -15.57 6.35
CA ALA B 142 -15.97 -14.53 5.34
C ALA B 142 -17.08 -14.86 4.35
N PHE B 143 -17.36 -16.14 4.14
CA PHE B 143 -18.22 -16.60 3.06
C PHE B 143 -18.87 -17.89 3.50
N THR B 144 -20.10 -18.14 3.03
CA THR B 144 -20.86 -19.31 3.45
C THR B 144 -21.33 -20.09 2.22
N ALA B 145 -21.65 -21.36 2.45
CA ALA B 145 -22.15 -22.18 1.35
C ALA B 145 -23.51 -21.72 0.83
N GLN B 146 -24.13 -20.72 1.47
CA GLN B 146 -25.40 -20.16 1.00
C GLN B 146 -25.24 -18.79 0.35
N GLY B 147 -24.02 -18.26 0.28
CA GLY B 147 -23.80 -16.92 -0.23
C GLY B 147 -23.12 -16.04 0.79
N GLU B 148 -23.39 -14.74 0.71
CA GLU B 148 -22.69 -13.77 1.56
C GLU B 148 -22.93 -14.09 3.03
N SER B 149 -21.89 -13.87 3.84
CA SER B 149 -21.99 -14.04 5.28
C SER B 149 -22.63 -12.81 5.91
N LEU B 150 -22.84 -12.88 7.23
CA LEU B 150 -23.44 -11.77 7.96
C LEU B 150 -22.41 -10.80 8.51
N VAL B 151 -21.12 -11.12 8.39
CA VAL B 151 -20.07 -10.39 9.08
C VAL B 151 -19.01 -9.82 8.16
N TRP B 152 -19.14 -9.99 6.84
CA TRP B 152 -18.12 -9.44 5.96
C TRP B 152 -18.08 -7.91 6.03
N HIS B 153 -19.15 -7.29 6.52
CA HIS B 153 -19.12 -5.84 6.70
C HIS B 153 -18.09 -5.40 7.72
N PHE B 154 -17.65 -6.28 8.63
CA PHE B 154 -16.55 -5.91 9.52
C PHE B 154 -15.35 -5.43 8.70
N SER B 155 -15.00 -6.18 7.65
CA SER B 155 -13.84 -5.84 6.83
C SER B 155 -14.13 -4.69 5.87
N PHE B 156 -15.31 -4.70 5.23
CA PHE B 156 -15.69 -3.60 4.33
C PHE B 156 -15.63 -2.26 5.05
N PHE B 157 -16.24 -2.20 6.25
CA PHE B 157 -16.32 -0.94 6.97
C PHE B 157 -14.96 -0.52 7.56
N ALA B 158 -14.10 -1.49 7.92
CA ALA B 158 -12.80 -1.16 8.50
C ALA B 158 -11.73 -0.83 7.46
N ALA B 159 -11.98 -1.13 6.19
CA ALA B 159 -10.98 -0.85 5.16
C ALA B 159 -10.63 0.62 5.12
N ASP B 160 -9.40 0.92 4.68
CA ASP B 160 -8.96 2.32 4.62
C ASP B 160 -9.36 2.93 3.28
N ASP B 161 -8.70 4.03 2.90
CA ASP B 161 -9.04 4.83 1.72
C ASP B 161 -10.50 5.29 1.73
N ARG B 162 -11.13 5.39 2.91
CA ARG B 162 -12.57 5.68 2.98
C ARG B 162 -13.34 4.84 1.98
N LEU B 163 -12.99 3.55 1.91
CA LEU B 163 -13.58 2.67 0.90
C LEU B 163 -15.11 2.66 1.00
N ALA B 164 -15.63 2.47 2.20
CA ALA B 164 -17.08 2.34 2.38
C ALA B 164 -17.80 3.65 2.06
N GLU B 165 -17.31 4.77 2.61
CA GLU B 165 -17.91 6.07 2.30
C GLU B 165 -17.90 6.35 0.82
N THR B 166 -16.79 6.01 0.15
CA THR B 166 -16.67 6.37 -1.25
C THR B 166 -17.60 5.53 -2.12
N LEU B 167 -17.72 4.24 -1.82
CA LEU B 167 -18.60 3.39 -2.63
C LEU B 167 -20.06 3.62 -2.29
N ILE B 168 -20.37 3.94 -1.04
CA ILE B 168 -21.78 4.05 -0.64
C ILE B 168 -22.37 5.43 -0.92
N ALA B 169 -21.55 6.47 -0.96
CA ALA B 169 -22.06 7.81 -1.25
C ALA B 169 -22.81 7.85 -2.59
N GLY B 170 -23.98 8.50 -2.59
CA GLY B 170 -24.87 8.47 -3.74
C GLY B 170 -25.74 7.23 -3.85
N LYS B 171 -25.49 6.23 -3.00
CA LYS B 171 -26.21 4.96 -2.99
C LYS B 171 -26.55 4.58 -1.55
N GLU B 172 -26.72 5.57 -0.68
CA GLU B 172 -26.87 5.29 0.75
C GLU B 172 -28.16 4.53 1.04
N ARG B 173 -29.25 4.94 0.40
CA ARG B 173 -30.53 4.25 0.59
C ARG B 173 -30.49 2.84 0.02
N PHE B 174 -29.91 2.69 -1.17
CA PHE B 174 -29.77 1.37 -1.76
C PHE B 174 -28.96 0.44 -0.86
N PHE B 175 -27.81 0.91 -0.37
CA PHE B 175 -26.98 0.04 0.44
C PHE B 175 -27.68 -0.34 1.74
N LEU B 176 -28.26 0.66 2.41
CA LEU B 176 -28.84 0.38 3.72
C LEU B 176 -30.02 -0.58 3.62
N GLU B 177 -30.85 -0.44 2.59
CA GLU B 177 -31.92 -1.39 2.40
C GLU B 177 -31.36 -2.80 2.18
N HIS B 178 -30.35 -2.93 1.33
CA HIS B 178 -29.77 -4.25 1.12
C HIS B 178 -29.19 -4.80 2.41
N PHE B 179 -28.46 -3.96 3.14
CA PHE B 179 -27.80 -4.38 4.37
C PHE B 179 -28.82 -4.79 5.43
N ILE B 180 -29.85 -3.97 5.60
CA ILE B 180 -30.87 -4.29 6.61
C ILE B 180 -31.58 -5.58 6.24
N LYS B 181 -31.99 -5.72 4.98
CA LYS B 181 -32.76 -6.91 4.63
C LYS B 181 -31.90 -8.17 4.64
N SER B 182 -30.61 -8.07 4.32
CA SER B 182 -29.76 -9.27 4.37
C SER B 182 -29.47 -9.71 5.78
N HIS B 183 -29.71 -8.85 6.77
CA HIS B 183 -29.57 -9.22 8.17
C HIS B 183 -30.91 -9.44 8.84
N ALA B 184 -32.00 -9.51 8.07
CA ALA B 184 -33.35 -9.62 8.61
C ALA B 184 -33.97 -10.99 8.32
N SER B 185 -34.86 -11.42 9.24
CA SER B 185 -35.84 -12.46 8.93
C SER B 185 -37.15 -11.86 8.43
N ASN B 186 -37.60 -10.78 9.07
CA ASN B 186 -38.91 -10.17 8.81
C ASN B 186 -38.64 -8.83 8.13
N THR B 187 -38.59 -8.85 6.79
CA THR B 187 -38.26 -7.63 6.08
C THR B 187 -39.45 -6.68 5.94
N GLU B 188 -40.68 -7.19 6.09
CA GLU B 188 -41.87 -6.37 5.88
C GLU B 188 -42.00 -5.25 6.90
N VAL B 189 -41.36 -5.36 8.07
CA VAL B 189 -41.44 -4.29 9.06
C VAL B 189 -40.68 -3.03 8.63
N PHE B 190 -39.85 -3.13 7.59
CA PHE B 190 -39.08 -2.00 7.11
C PHE B 190 -39.79 -1.38 5.92
N SER B 191 -40.72 -0.48 6.23
CA SER B 191 -41.48 0.24 5.21
C SER B 191 -40.56 1.17 4.43
N GLU B 192 -41.07 1.62 3.28
CA GLU B 192 -40.40 2.68 2.52
C GLU B 192 -40.08 3.87 3.42
N ARG B 193 -41.06 4.32 4.20
CA ARG B 193 -40.87 5.49 5.05
C ARG B 193 -39.77 5.24 6.08
N LEU B 194 -39.79 4.07 6.72
CA LEU B 194 -38.77 3.80 7.74
C LEU B 194 -37.37 3.75 7.14
N LEU B 195 -37.22 3.08 5.99
CA LEU B 195 -35.92 3.03 5.34
C LEU B 195 -35.47 4.42 4.89
N ASP B 196 -36.40 5.24 4.40
CA ASP B 196 -36.08 6.61 4.03
C ASP B 196 -35.50 7.38 5.22
N LEU B 197 -36.14 7.26 6.38
CA LEU B 197 -35.70 7.98 7.57
C LEU B 197 -34.31 7.54 8.00
N TYR B 198 -34.06 6.22 8.06
CA TYR B 198 -32.73 5.77 8.47
C TYR B 198 -31.68 6.15 7.43
N ALA B 199 -32.02 6.04 6.14
CA ALA B 199 -31.04 6.35 5.10
C ALA B 199 -30.68 7.83 5.11
N ARG B 200 -31.67 8.71 5.27
CA ARG B 200 -31.34 10.14 5.31
C ARG B 200 -30.45 10.48 6.50
N SER B 201 -30.63 9.77 7.61
CA SER B 201 -29.83 10.10 8.80
C SER B 201 -28.37 9.68 8.62
N TYR B 202 -28.14 8.44 8.23
CA TYR B 202 -26.74 8.02 8.15
C TYR B 202 -26.07 8.51 6.88
N ALA B 203 -26.83 9.08 5.93
CA ALA B 203 -26.23 9.65 4.73
C ALA B 203 -25.59 11.00 4.96
N LYS B 204 -25.89 11.69 6.07
CA LYS B 204 -25.15 12.89 6.40
C LYS B 204 -23.65 12.56 6.35
N PRO B 205 -22.83 13.33 5.62
CA PRO B 205 -21.44 12.90 5.42
C PRO B 205 -20.70 12.59 6.71
N HIS B 206 -20.90 13.37 7.77
CA HIS B 206 -20.18 13.06 9.00
C HIS B 206 -20.74 11.84 9.70
N SER B 207 -22.02 11.51 9.45
CA SER B 207 -22.59 10.31 10.05
C SER B 207 -22.22 9.07 9.27
N LEU B 208 -22.11 9.18 7.94
CA LEU B 208 -21.64 8.06 7.14
C LEU B 208 -20.23 7.67 7.55
N ASN B 209 -19.36 8.67 7.70
CA ASN B 209 -18.00 8.41 8.16
C ASN B 209 -18.01 7.86 9.59
N ALA B 210 -18.78 8.48 10.48
CA ALA B 210 -18.80 7.99 11.87
C ALA B 210 -19.22 6.53 11.92
N SER B 211 -20.21 6.14 11.09
CA SER B 211 -20.67 4.75 11.07
C SER B 211 -19.50 3.78 10.91
N PHE B 212 -18.59 4.09 9.99
CA PHE B 212 -17.50 3.18 9.70
C PHE B 212 -16.30 3.36 10.63
N GLU B 213 -16.14 4.53 11.24
CA GLU B 213 -15.04 4.69 12.20
C GLU B 213 -15.19 3.77 13.40
N TYR B 214 -16.42 3.41 13.79
CA TYR B 214 -16.60 2.40 14.84
C TYR B 214 -15.91 1.09 14.45
N TYR B 215 -15.97 0.73 13.17
CA TYR B 215 -15.33 -0.49 12.69
C TYR B 215 -13.83 -0.33 12.47
N ARG B 216 -13.39 0.86 12.06
CA ARG B 216 -11.96 1.10 11.98
C ARG B 216 -11.30 1.09 13.35
N ALA B 217 -12.08 1.21 14.43
CA ALA B 217 -11.55 1.09 15.78
C ALA B 217 -11.79 -0.28 16.40
N LEU B 218 -12.32 -1.24 15.63
CA LEU B 218 -12.76 -2.51 16.23
C LEU B 218 -11.58 -3.30 16.80
N ASN B 219 -10.46 -3.40 16.08
CA ASN B 219 -9.34 -4.15 16.64
C ASN B 219 -8.79 -3.47 17.89
N GLU B 220 -8.80 -2.12 17.91
CA GLU B 220 -8.39 -1.44 19.13
C GLU B 220 -9.33 -1.77 20.28
N SER B 221 -10.64 -1.82 19.99
CA SER B 221 -11.59 -2.21 21.03
C SER B 221 -11.34 -3.64 21.50
N VAL B 222 -11.05 -4.56 20.58
CA VAL B 222 -10.67 -5.93 20.97
C VAL B 222 -9.49 -5.89 21.94
N ARG B 223 -8.45 -5.13 21.61
CA ARG B 223 -7.27 -5.12 22.46
C ARG B 223 -7.59 -4.50 23.81
N GLN B 224 -8.38 -3.43 23.82
CA GLN B 224 -8.84 -2.83 25.08
C GLN B 224 -9.56 -3.87 25.92
N ASN B 225 -10.48 -4.61 25.30
CA ASN B 225 -11.33 -5.54 26.06
C ASN B 225 -10.54 -6.72 26.60
N ALA B 226 -9.42 -7.09 25.94
CA ALA B 226 -8.60 -8.17 26.47
C ALA B 226 -8.14 -7.87 27.89
N GLU B 227 -7.86 -6.61 28.18
CA GLU B 227 -7.47 -6.22 29.54
C GLU B 227 -8.68 -6.04 30.45
N LEU B 228 -9.76 -5.43 29.94
CA LEU B 228 -10.94 -5.20 30.76
C LEU B 228 -11.60 -6.51 31.22
N ALA B 229 -11.57 -7.53 30.36
CA ALA B 229 -12.30 -8.77 30.63
C ALA B 229 -11.72 -9.58 31.78
N LYS B 230 -10.58 -9.16 32.35
CA LYS B 230 -10.05 -9.84 33.53
C LYS B 230 -10.99 -9.71 34.72
N THR B 231 -11.91 -8.75 34.69
CA THR B 231 -12.91 -8.55 35.73
C THR B 231 -14.27 -8.97 35.18
N ARG B 232 -14.86 -9.99 35.77
CA ARG B 232 -16.17 -10.46 35.34
C ARG B 232 -17.28 -9.51 35.78
N LEU B 233 -18.36 -9.48 35.02
CA LEU B 233 -19.54 -8.69 35.37
C LEU B 233 -20.37 -9.42 36.41
N GLN B 234 -20.80 -8.69 37.44
CA GLN B 234 -21.52 -9.28 38.56
C GLN B 234 -23.00 -8.94 38.59
N MET B 235 -23.47 -7.98 37.81
CA MET B 235 -24.87 -7.57 37.89
C MET B 235 -25.75 -8.52 37.08
N PRO B 236 -27.05 -8.56 37.37
CA PRO B 236 -27.95 -9.40 36.57
C PRO B 236 -27.95 -8.97 35.11
N THR B 237 -27.77 -9.95 34.22
CA THR B 237 -27.65 -9.69 32.80
CA THR B 237 -27.70 -9.66 32.80
C THR B 237 -28.63 -10.60 32.03
N MET B 238 -29.14 -10.08 30.92
CA MET B 238 -29.95 -10.87 29.99
C MET B 238 -29.44 -10.64 28.59
N THR B 239 -29.27 -11.70 27.83
CA THR B 239 -28.95 -11.59 26.41
C THR B 239 -30.17 -11.96 25.58
N LEU B 240 -30.31 -11.31 24.43
CA LEU B 240 -31.34 -11.65 23.45
C LEU B 240 -30.67 -11.80 22.09
N ALA B 241 -31.15 -12.76 21.31
CA ALA B 241 -30.62 -12.94 19.98
C ALA B 241 -31.72 -13.51 19.09
N GLY B 242 -31.67 -13.19 17.80
CA GLY B 242 -32.57 -13.83 16.86
C GLY B 242 -32.17 -15.26 16.56
N GLY B 243 -33.19 -16.09 16.29
CA GLY B 243 -32.95 -17.46 15.88
C GLY B 243 -33.14 -17.67 14.40
N GLY B 244 -33.64 -16.65 13.70
CA GLY B 244 -33.84 -16.71 12.26
C GLY B 244 -32.63 -16.20 11.50
N HIS B 245 -32.83 -16.01 10.20
CA HIS B 245 -31.77 -15.46 9.36
C HIS B 245 -31.39 -14.08 9.85
N GLY B 246 -30.08 -13.85 10.01
CA GLY B 246 -29.57 -12.63 10.61
C GLY B 246 -29.36 -12.71 12.11
N GLY B 247 -29.91 -13.74 12.77
CA GLY B 247 -29.77 -13.84 14.20
C GLY B 247 -28.45 -14.46 14.59
N MET B 248 -27.99 -14.13 15.80
CA MET B 248 -26.77 -14.72 16.32
C MET B 248 -26.98 -16.05 17.02
N GLY B 249 -28.23 -16.47 17.23
CA GLY B 249 -28.47 -17.78 17.81
C GLY B 249 -27.83 -17.89 19.18
N THR B 250 -27.24 -19.07 19.45
CA THR B 250 -26.71 -19.34 20.77
C THR B 250 -25.43 -18.57 21.07
N PHE B 251 -24.80 -17.95 20.07
CA PHE B 251 -23.51 -17.29 20.31
C PHE B 251 -23.63 -16.21 21.38
N GLN B 252 -24.73 -15.45 21.36
CA GLN B 252 -24.85 -14.29 22.24
C GLN B 252 -24.74 -14.71 23.70
N LEU B 253 -25.52 -15.70 24.10
CA LEU B 253 -25.49 -16.15 25.49
C LEU B 253 -24.20 -16.89 25.80
N GLU B 254 -23.74 -17.71 24.86
CA GLU B 254 -22.54 -18.49 25.14
C GLU B 254 -21.33 -17.58 25.34
N GLN B 255 -21.21 -16.52 24.54
CA GLN B 255 -20.14 -15.56 24.79
C GLN B 255 -20.34 -14.86 26.12
N MET B 256 -21.57 -14.39 26.38
CA MET B 256 -21.80 -13.63 27.60
C MET B 256 -21.48 -14.46 28.85
N LYS B 257 -21.61 -15.79 28.78
CA LYS B 257 -21.29 -16.63 29.91
C LYS B 257 -19.83 -16.48 30.33
N ALA B 258 -18.94 -16.18 29.40
CA ALA B 258 -17.54 -15.98 29.75
C ALA B 258 -17.29 -14.62 30.38
N TYR B 259 -18.25 -13.70 30.28
CA TYR B 259 -18.12 -12.35 30.79
C TYR B 259 -18.93 -12.08 32.05
N ALA B 260 -20.01 -12.80 32.27
CA ALA B 260 -20.97 -12.43 33.31
C ALA B 260 -21.29 -13.63 34.18
N GLU B 261 -21.32 -13.40 35.50
CA GLU B 261 -21.60 -14.46 36.46
C GLU B 261 -23.08 -14.81 36.52
N ASP B 262 -23.95 -13.83 36.26
CA ASP B 262 -25.39 -13.98 36.47
C ASP B 262 -26.06 -13.55 35.16
N VAL B 263 -26.28 -14.50 34.26
CA VAL B 263 -26.80 -14.19 32.92
C VAL B 263 -27.86 -15.21 32.54
N GLU B 264 -28.94 -14.72 31.96
CA GLU B 264 -29.95 -15.56 31.34
C GLU B 264 -30.06 -15.13 29.88
N GLY B 265 -30.47 -16.05 29.03
CA GLY B 265 -30.50 -15.78 27.60
C GLY B 265 -31.77 -16.30 26.97
N HIS B 266 -32.16 -15.63 25.89
CA HIS B 266 -33.24 -16.09 25.03
C HIS B 266 -32.82 -15.97 23.57
N VAL B 267 -33.22 -16.96 22.78
CA VAL B 267 -33.13 -16.93 21.33
C VAL B 267 -34.56 -16.88 20.81
N LEU B 268 -34.85 -15.91 19.92
CA LEU B 268 -36.21 -15.69 19.45
C LEU B 268 -36.38 -16.33 18.07
N PRO B 269 -37.09 -17.44 17.96
CA PRO B 269 -37.26 -18.06 16.64
C PRO B 269 -38.03 -17.11 15.72
N GLY B 270 -37.68 -17.15 14.44
CA GLY B 270 -38.38 -16.35 13.46
C GLY B 270 -38.00 -14.89 13.44
N CYS B 271 -36.91 -14.49 14.11
CA CYS B 271 -36.43 -13.12 14.19
C CYS B 271 -34.97 -13.08 13.77
N GLY B 272 -34.59 -12.00 13.08
CA GLY B 272 -33.21 -11.82 12.66
C GLY B 272 -32.45 -10.84 13.54
N HIS B 273 -31.71 -9.93 12.92
CA HIS B 273 -30.85 -9.03 13.70
C HIS B 273 -31.62 -7.89 14.35
N TRP B 274 -32.64 -7.38 13.66
CA TRP B 274 -33.23 -6.08 14.03
C TRP B 274 -34.37 -6.26 15.04
N LEU B 275 -34.03 -6.83 16.20
CA LEU B 275 -35.05 -7.32 17.13
C LEU B 275 -36.11 -6.30 17.52
N PRO B 276 -35.78 -5.04 17.86
CA PRO B 276 -36.85 -4.10 18.24
C PRO B 276 -37.87 -3.88 17.17
N GLU B 277 -37.51 -4.07 15.90
CA GLU B 277 -38.46 -3.86 14.82
C GLU B 277 -39.03 -5.17 14.28
N GLU B 278 -38.19 -6.19 14.10
CA GLU B 278 -38.68 -7.46 13.56
C GLU B 278 -39.53 -8.21 14.54
N CYS B 279 -39.25 -8.10 15.83
CA CYS B 279 -39.95 -8.88 16.84
C CYS B 279 -40.19 -8.01 18.07
N ALA B 280 -40.84 -6.88 17.80
CA ALA B 280 -41.02 -5.83 18.80
C ALA B 280 -41.75 -6.35 20.04
N ALA B 281 -42.88 -7.05 19.85
CA ALA B 281 -43.69 -7.40 21.01
C ALA B 281 -43.00 -8.38 21.94
N PRO B 282 -42.48 -9.53 21.47
CA PRO B 282 -41.79 -10.43 22.41
C PRO B 282 -40.51 -9.83 22.96
N MET B 283 -39.76 -9.07 22.15
CA MET B 283 -38.56 -8.43 22.66
C MET B 283 -38.89 -7.43 23.76
N ASN B 284 -39.90 -6.60 23.52
CA ASN B 284 -40.32 -5.62 24.53
C ASN B 284 -40.71 -6.32 25.82
N ARG B 285 -41.51 -7.40 25.70
CA ARG B 285 -41.95 -8.13 26.88
C ARG B 285 -40.78 -8.66 27.69
N LEU B 286 -39.81 -9.28 27.03
CA LEU B 286 -38.70 -9.88 27.76
C LEU B 286 -37.85 -8.81 28.44
N VAL B 287 -37.62 -7.69 27.76
CA VAL B 287 -36.86 -6.59 28.35
C VAL B 287 -37.61 -6.00 29.54
N ILE B 288 -38.90 -5.70 29.35
CA ILE B 288 -39.68 -5.08 30.43
C ILE B 288 -39.73 -6.00 31.64
N ASP B 289 -40.00 -7.28 31.42
CA ASP B 289 -40.10 -8.20 32.55
C ASP B 289 -38.76 -8.36 33.27
N PHE B 290 -37.66 -8.46 32.51
CA PHE B 290 -36.35 -8.61 33.14
C PHE B 290 -35.99 -7.37 33.97
N LEU B 291 -36.24 -6.18 33.42
CA LEU B 291 -35.90 -4.97 34.14
C LEU B 291 -36.83 -4.72 35.31
N SER B 292 -38.06 -5.23 35.24
CA SER B 292 -39.04 -4.96 36.28
C SER B 292 -38.90 -5.89 37.49
N ARG B 293 -38.01 -6.88 37.43
CA ARG B 293 -37.69 -7.62 38.65
C ARG B 293 -37.08 -6.70 39.71
N GLY B 294 -36.22 -5.77 39.29
CA GLY B 294 -35.64 -4.79 40.18
C GLY B 294 -36.59 -3.68 40.57
N ARG B 295 -36.10 -2.79 41.42
CA ARG B 295 -36.91 -1.70 41.96
C ARG B 295 -37.21 -0.67 40.87
N HIS B 296 -38.49 -0.38 40.65
CA HIS B 296 -38.91 0.56 39.63
C HIS B 296 -40.09 1.38 40.15
N HIS B 297 -40.60 2.26 39.30
CA HIS B 297 -41.74 3.09 39.64
C HIS B 297 -43.06 2.31 39.53
N ALA C 1 -5.36 24.04 22.84
CA ALA C 1 -5.45 23.42 21.52
C ALA C 1 -4.49 22.22 21.41
N GLU C 2 -5.04 21.04 21.14
CA GLU C 2 -4.26 19.82 21.09
C GLU C 2 -4.29 19.23 19.69
N GLU C 3 -3.13 18.82 19.18
CA GLU C 3 -3.08 18.23 17.85
C GLU C 3 -3.62 16.80 17.83
N PHE C 4 -3.53 16.08 18.95
CA PHE C 4 -3.96 14.69 19.03
C PHE C 4 -4.66 14.46 20.37
N PRO C 5 -5.63 13.55 20.41
CA PRO C 5 -6.37 13.35 21.65
C PRO C 5 -5.56 12.62 22.71
N VAL C 6 -5.59 13.15 23.92
CA VAL C 6 -4.84 12.59 25.04
C VAL C 6 -5.60 11.38 25.58
N PRO C 7 -4.94 10.25 25.86
CA PRO C 7 -5.67 9.12 26.45
C PRO C 7 -6.23 9.51 27.81
N ASN C 8 -7.31 8.84 28.19
CA ASN C 8 -7.94 9.11 29.47
C ASN C 8 -6.93 8.94 30.60
N GLY C 9 -6.90 9.90 31.52
CA GLY C 9 -5.98 9.85 32.62
C GLY C 9 -4.57 10.33 32.34
N PHE C 10 -4.31 10.85 31.14
CA PHE C 10 -3.02 11.45 30.82
C PHE C 10 -3.20 12.95 30.71
N GLU C 11 -2.10 13.68 30.89
CA GLU C 11 -2.10 15.13 30.75
C GLU C 11 -1.18 15.53 29.62
N SER C 12 -1.59 16.55 28.87
CA SER C 12 -0.74 17.22 27.90
C SER C 12 -0.15 18.45 28.57
N ALA C 13 1.17 18.57 28.55
CA ALA C 13 1.84 19.65 29.28
C ALA C 13 3.10 20.04 28.52
N TYR C 14 3.81 21.04 29.04
CA TYR C 14 5.02 21.56 28.42
C TYR C 14 6.10 21.75 29.47
N ARG C 15 7.35 21.59 29.06
CA ARG C 15 8.47 21.84 29.97
C ARG C 15 9.57 22.58 29.22
N GLU C 16 10.00 23.72 29.75
CA GLU C 16 11.12 24.45 29.18
C GLU C 16 12.43 23.75 29.56
N VAL C 17 13.20 23.36 28.55
CA VAL C 17 14.50 22.70 28.74
C VAL C 17 15.52 23.46 27.91
N ASP C 18 16.51 24.06 28.58
CA ASP C 18 17.57 24.80 27.90
C ASP C 18 16.98 25.81 26.91
N GLY C 19 15.94 26.52 27.33
CA GLY C 19 15.34 27.54 26.50
C GLY C 19 14.39 27.05 25.43
N VAL C 20 14.12 25.76 25.37
CA VAL C 20 13.26 25.18 24.35
C VAL C 20 12.03 24.59 25.03
N LYS C 21 10.85 25.02 24.60
CA LYS C 21 9.61 24.53 25.21
C LYS C 21 9.24 23.21 24.55
N LEU C 22 9.34 22.12 25.31
CA LEU C 22 9.01 20.79 24.81
C LEU C 22 7.60 20.39 25.24
N HIS C 23 6.85 19.82 24.32
CA HIS C 23 5.53 19.30 24.62
C HIS C 23 5.65 17.82 24.97
N TYR C 24 4.82 17.36 25.90
CA TYR C 24 4.79 15.94 26.21
C TYR C 24 3.41 15.56 26.74
N VAL C 25 3.15 14.25 26.73
CA VAL C 25 1.95 13.67 27.33
C VAL C 25 2.42 12.69 28.39
N LYS C 26 1.84 12.78 29.59
CA LYS C 26 2.35 12.07 30.75
C LYS C 26 1.21 11.44 31.54
N GLY C 27 1.42 10.22 32.02
CA GLY C 27 0.45 9.58 32.89
C GLY C 27 1.07 8.41 33.62
N GLY C 28 0.34 7.91 34.62
CA GLY C 28 0.78 6.72 35.34
C GLY C 28 1.62 7.00 36.57
N GLN C 29 2.03 5.91 37.21
CA GLN C 29 2.77 5.93 38.47
C GLN C 29 3.86 4.88 38.44
N GLY C 30 4.95 5.14 39.17
CA GLY C 30 6.05 4.21 39.26
C GLY C 30 7.27 4.72 38.53
N PRO C 31 8.23 3.84 38.27
CA PRO C 31 9.44 4.24 37.54
C PRO C 31 9.09 4.84 36.18
N LEU C 32 9.95 5.73 35.73
CA LEU C 32 9.70 6.48 34.50
C LEU C 32 10.09 5.69 33.26
N VAL C 33 9.23 5.74 32.25
CA VAL C 33 9.56 5.27 30.91
CA VAL C 33 9.58 5.29 30.91
C VAL C 33 9.31 6.42 29.95
N MET C 34 10.29 6.73 29.10
CA MET C 34 10.15 7.76 28.10
C MET C 34 10.07 7.08 26.73
N LEU C 35 9.05 7.46 25.95
CA LEU C 35 8.79 6.93 24.62
C LEU C 35 9.05 8.02 23.60
N VAL C 36 9.93 7.77 22.63
CA VAL C 36 10.39 8.82 21.72
C VAL C 36 10.03 8.44 20.28
N HIS C 37 9.17 9.26 19.65
CA HIS C 37 8.62 8.97 18.34
C HIS C 37 9.65 9.28 17.23
N GLY C 38 9.26 8.99 15.99
CA GLY C 38 10.10 9.26 14.83
C GLY C 38 9.50 10.15 13.76
N PHE C 39 10.13 10.12 12.58
CA PHE C 39 9.73 11.00 11.49
C PHE C 39 8.31 10.73 11.02
N GLY C 40 7.59 11.80 10.68
CA GLY C 40 6.22 11.71 10.19
C GLY C 40 5.17 11.62 11.26
N GLN C 41 5.56 11.49 12.53
CA GLN C 41 4.60 11.27 13.60
C GLN C 41 4.97 12.15 14.77
N THR C 42 4.33 11.87 15.90
CA THR C 42 4.44 12.65 17.13
C THR C 42 4.35 11.67 18.29
N TRP C 43 4.20 12.20 19.50
CA TRP C 43 3.94 11.37 20.67
C TRP C 43 2.79 10.40 20.42
N TYR C 44 1.85 10.78 19.55
CA TYR C 44 0.60 10.04 19.41
C TYR C 44 0.81 8.61 18.90
N GLU C 45 1.92 8.31 18.23
CA GLU C 45 2.13 6.93 17.81
C GLU C 45 2.12 5.98 19.00
N TRP C 46 2.39 6.48 20.20
CA TRP C 46 2.45 5.66 21.40
C TRP C 46 1.12 5.55 22.13
N HIS C 47 0.03 6.17 21.62
CA HIS C 47 -1.14 6.37 22.49
C HIS C 47 -1.86 5.07 22.84
N GLN C 48 -1.65 3.99 22.08
CA GLN C 48 -2.26 2.71 22.45
C GLN C 48 -1.41 1.95 23.47
N LEU C 49 -0.09 2.12 23.41
CA LEU C 49 0.80 1.49 24.36
C LEU C 49 0.79 2.20 25.71
N MET C 50 0.60 3.52 25.70
CA MET C 50 0.74 4.32 26.91
C MET C 50 -0.19 3.89 28.05
N PRO C 51 -1.49 3.63 27.84
CA PRO C 51 -2.33 3.23 28.99
C PRO C 51 -1.90 1.90 29.60
N GLU C 52 -1.37 0.99 28.78
CA GLU C 52 -0.93 -0.30 29.29
C GLU C 52 0.32 -0.17 30.15
N LEU C 53 1.31 0.60 29.67
CA LEU C 53 2.50 0.87 30.47
C LEU C 53 2.18 1.66 31.73
N ALA C 54 1.17 2.54 31.68
CA ALA C 54 0.88 3.38 32.83
C ALA C 54 0.33 2.59 34.00
N LYS C 55 -0.04 1.32 33.81
CA LYS C 55 -0.47 0.50 34.93
C LYS C 55 0.67 0.19 35.88
N ARG C 56 1.92 0.28 35.43
CA ARG C 56 3.06 -0.01 36.29
C ARG C 56 4.19 1.00 36.18
N PHE C 57 4.10 1.98 35.27
CA PHE C 57 5.15 2.96 35.07
C PHE C 57 4.56 4.36 35.02
N THR C 58 5.37 5.34 35.37
CA THR C 58 5.11 6.71 34.93
C THR C 58 5.58 6.81 33.49
N VAL C 59 4.72 7.28 32.59
CA VAL C 59 4.99 7.28 31.17
C VAL C 59 5.04 8.72 30.67
N ILE C 60 6.08 9.07 29.92
CA ILE C 60 6.17 10.38 29.29
CA ILE C 60 6.18 10.38 29.29
C ILE C 60 6.50 10.18 27.81
N ALA C 61 5.75 10.86 26.96
CA ALA C 61 5.94 10.77 25.51
C ALA C 61 6.09 12.20 25.01
N PRO C 62 7.32 12.66 24.77
CA PRO C 62 7.53 14.02 24.26
C PRO C 62 7.41 14.10 22.76
N ASP C 63 7.15 15.31 22.28
CA ASP C 63 7.32 15.64 20.87
C ASP C 63 8.77 16.07 20.65
N LEU C 64 9.41 15.50 19.62
CA LEU C 64 10.78 15.88 19.30
C LEU C 64 10.86 17.38 18.98
N PRO C 65 11.98 18.02 19.32
CA PRO C 65 12.13 19.46 19.04
C PRO C 65 11.74 19.79 17.61
N GLY C 66 10.84 20.77 17.46
CA GLY C 66 10.38 21.24 16.18
C GLY C 66 9.17 20.50 15.64
N LEU C 67 8.88 19.30 16.14
CA LEU C 67 7.79 18.46 15.67
C LEU C 67 6.68 18.45 16.70
N GLY C 68 5.48 18.03 16.25
CA GLY C 68 4.33 18.10 17.13
C GLY C 68 4.18 19.49 17.70
N GLN C 69 4.05 19.59 19.02
CA GLN C 69 3.85 20.88 19.69
C GLN C 69 5.11 21.36 20.40
N SER C 70 6.29 20.82 20.06
CA SER C 70 7.56 21.24 20.67
C SER C 70 8.27 22.29 19.82
N GLU C 71 8.86 23.28 20.51
CA GLU C 71 9.65 24.29 19.82
C GLU C 71 10.90 23.66 19.19
N PRO C 72 11.41 24.26 18.12
CA PRO C 72 12.66 23.76 17.51
C PRO C 72 13.83 23.89 18.47
N PRO C 73 14.86 23.08 18.29
CA PRO C 73 16.05 23.19 19.15
C PRO C 73 16.78 24.50 18.88
N LYS C 74 17.42 25.01 19.93
CA LYS C 74 18.22 26.21 19.80
C LYS C 74 19.67 25.91 19.45
N THR C 75 20.15 24.71 19.74
CA THR C 75 21.52 24.32 19.43
C THR C 75 21.60 23.78 18.00
N GLY C 76 20.95 22.65 17.75
CA GLY C 76 20.97 22.04 16.44
C GLY C 76 20.23 20.73 16.46
N TYR C 77 20.27 20.05 15.32
CA TYR C 77 19.47 18.85 15.11
C TYR C 77 20.29 17.56 15.08
N SER C 78 21.59 17.63 15.31
CA SER C 78 22.38 16.40 15.40
C SER C 78 21.95 15.58 16.61
N GLY C 79 22.25 14.29 16.55
CA GLY C 79 21.82 13.40 17.62
C GLY C 79 22.30 13.84 18.99
N GLU C 80 23.56 14.25 19.09
CA GLU C 80 24.10 14.65 20.39
C GLU C 80 23.42 15.91 20.91
N GLN C 81 23.13 16.87 20.02
CA GLN C 81 22.46 18.10 20.46
C GLN C 81 21.04 17.81 20.93
N VAL C 82 20.27 17.10 20.11
CA VAL C 82 18.88 16.80 20.51
C VAL C 82 18.84 15.93 21.74
N ALA C 83 19.80 15.01 21.89
CA ALA C 83 19.75 14.09 23.03
C ALA C 83 19.84 14.82 24.35
N VAL C 84 20.55 15.95 24.40
CA VAL C 84 20.62 16.73 25.63
C VAL C 84 19.23 17.12 26.09
N TYR C 85 18.38 17.60 25.17
CA TYR C 85 17.05 18.04 25.55
C TYR C 85 16.26 16.88 26.15
N LEU C 86 16.30 15.73 25.49
CA LEU C 86 15.50 14.59 25.94
C LEU C 86 16.02 14.03 27.26
N HIS C 87 17.35 13.97 27.41
CA HIS C 87 17.92 13.51 28.68
C HIS C 87 17.53 14.42 29.82
N LYS C 88 17.65 15.74 29.63
CA LYS C 88 17.30 16.66 30.71
C LYS C 88 15.81 16.61 31.01
N LEU C 89 14.97 16.46 30.00
CA LEU C 89 13.54 16.36 30.23
C LEU C 89 13.21 15.16 31.10
N ALA C 90 13.72 13.99 30.72
CA ALA C 90 13.46 12.78 31.52
C ALA C 90 13.98 12.94 32.93
N ARG C 91 15.18 13.50 33.09
CA ARG C 91 15.76 13.60 34.42
C ARG C 91 15.03 14.59 35.31
N GLN C 92 14.28 15.52 34.73
CA GLN C 92 13.41 16.38 35.56
C GLN C 92 12.35 15.55 36.27
N PHE C 93 11.87 14.49 35.63
CA PHE C 93 10.85 13.63 36.20
C PHE C 93 11.40 12.42 36.95
N SER C 94 12.66 12.07 36.70
CA SER C 94 13.33 10.96 37.40
C SER C 94 14.74 11.39 37.77
N PRO C 95 14.88 12.34 38.72
CA PRO C 95 16.22 12.86 39.03
C PRO C 95 17.07 11.93 39.86
N ASP C 96 16.48 11.01 40.62
CA ASP C 96 17.22 10.17 41.55
C ASP C 96 17.21 8.70 41.16
N ARG C 97 16.67 8.35 40.00
CA ARG C 97 16.57 6.95 39.62
C ARG C 97 16.75 6.81 38.12
N PRO C 98 17.31 5.69 37.66
CA PRO C 98 17.36 5.45 36.21
C PRO C 98 15.96 5.31 35.64
N PHE C 99 15.82 5.64 34.36
CA PHE C 99 14.55 5.51 33.65
C PHE C 99 14.71 4.56 32.47
N ASP C 100 13.57 4.12 31.93
CA ASP C 100 13.54 3.27 30.74
C ASP C 100 13.30 4.13 29.49
N LEU C 101 13.78 3.63 28.36
CA LEU C 101 13.68 4.37 27.10
C LEU C 101 13.18 3.45 26.01
N VAL C 102 12.19 3.91 25.26
CA VAL C 102 11.70 3.28 24.04
C VAL C 102 11.78 4.31 22.93
N ALA C 103 12.37 3.94 21.80
CA ALA C 103 12.51 4.91 20.72
C ALA C 103 12.32 4.24 19.36
N HIS C 104 11.74 5.00 18.43
CA HIS C 104 11.33 4.55 17.11
C HIS C 104 11.97 5.47 16.07
N ASP C 105 12.59 4.91 15.05
CA ASP C 105 13.02 5.69 13.88
C ASP C 105 14.02 6.76 14.35
N ILE C 106 13.84 8.04 14.01
CA ILE C 106 14.84 9.03 14.41
C ILE C 106 14.82 9.30 15.91
N GLY C 107 13.85 8.75 16.64
CA GLY C 107 13.96 8.73 18.10
C GLY C 107 15.22 8.03 18.57
N ILE C 108 15.69 7.04 17.81
CA ILE C 108 16.97 6.38 18.10
C ILE C 108 18.12 7.35 17.90
N TRP C 109 18.14 8.04 16.77
CA TRP C 109 19.22 8.98 16.50
C TRP C 109 19.32 10.03 17.59
N ASN C 110 18.17 10.45 18.11
CA ASN C 110 18.10 11.55 19.05
C ASN C 110 18.22 11.11 20.50
N THR C 111 18.40 9.81 20.76
CA THR C 111 18.62 9.32 22.12
C THR C 111 19.91 8.55 22.29
N TYR C 112 20.43 7.91 21.25
CA TYR C 112 21.63 7.10 21.43
C TYR C 112 22.77 7.87 22.12
N PRO C 113 23.11 9.12 21.73
CA PRO C 113 24.21 9.80 22.43
C PRO C 113 23.99 9.97 23.92
N MET C 114 22.77 10.26 24.36
CA MET C 114 22.59 10.43 25.78
C MET C 114 22.57 9.10 26.52
N VAL C 115 22.22 8.01 25.84
CA VAL C 115 22.31 6.69 26.46
C VAL C 115 23.76 6.31 26.71
N VAL C 116 24.62 6.51 25.71
CA VAL C 116 26.01 6.07 25.86
C VAL C 116 26.76 7.00 26.82
N LYS C 117 26.41 8.28 26.87
CA LYS C 117 27.09 9.22 27.75
C LYS C 117 26.55 9.23 29.18
N ASN C 118 25.39 8.63 29.43
CA ASN C 118 24.78 8.62 30.75
C ASN C 118 24.24 7.23 31.05
N GLN C 119 25.10 6.20 30.92
CA GLN C 119 24.60 4.82 30.95
C GLN C 119 23.92 4.49 32.27
N ALA C 120 24.38 5.09 33.38
CA ALA C 120 23.76 4.80 34.68
C ALA C 120 22.34 5.35 34.77
N ASP C 121 21.95 6.27 33.90
CA ASP C 121 20.61 6.84 33.94
C ASP C 121 19.58 6.00 33.19
N ILE C 122 20.01 5.01 32.41
CA ILE C 122 19.13 4.23 31.55
C ILE C 122 19.02 2.83 32.13
N ALA C 123 17.85 2.48 32.65
CA ALA C 123 17.66 1.15 33.23
C ALA C 123 17.57 0.08 32.14
N ARG C 124 16.66 0.28 31.18
CA ARG C 124 16.42 -0.67 30.10
C ARG C 124 16.10 0.12 28.84
N LEU C 125 16.41 -0.46 27.68
CA LEU C 125 16.40 0.24 26.42
C LEU C 125 15.68 -0.59 25.36
N VAL C 126 14.74 0.04 24.63
CA VAL C 126 14.05 -0.61 23.52
C VAL C 126 14.17 0.29 22.30
N TYR C 127 14.78 -0.23 21.23
CA TYR C 127 14.97 0.50 19.99
C TYR C 127 14.26 -0.24 18.86
N MET C 128 13.53 0.52 18.02
CA MET C 128 12.82 -0.13 16.92
C MET C 128 12.92 0.68 15.63
N GLN C 129 13.19 -0.02 14.52
CA GLN C 129 13.00 0.51 13.16
C GLN C 129 13.82 1.79 12.90
N ALA C 130 15.12 1.68 13.10
CA ALA C 130 16.08 2.64 12.55
C ALA C 130 17.50 2.17 12.77
N PRO C 131 18.40 2.43 11.83
CA PRO C 131 19.82 2.27 12.12
C PRO C 131 20.29 3.33 13.11
N ILE C 132 21.13 2.93 14.04
CA ILE C 132 21.93 3.94 14.72
C ILE C 132 22.82 4.59 13.67
N PRO C 133 22.95 5.92 13.61
CA PRO C 133 23.74 6.51 12.52
C PRO C 133 25.20 6.10 12.62
N ASP C 134 25.67 5.36 11.62
CA ASP C 134 27.08 5.06 11.48
C ASP C 134 27.37 4.80 9.99
N ALA C 135 28.58 4.34 9.70
CA ALA C 135 28.99 4.20 8.29
C ALA C 135 28.19 3.16 7.53
N ARG C 136 27.45 2.28 8.23
CA ARG C 136 26.62 1.29 7.56
C ARG C 136 25.58 1.95 6.66
N ILE C 137 25.11 3.15 7.01
CA ILE C 137 24.06 3.77 6.21
C ILE C 137 24.57 4.20 4.84
N TYR C 138 25.88 4.29 4.65
CA TYR C 138 26.41 4.65 3.34
C TYR C 138 26.43 3.46 2.38
N ARG C 139 26.03 2.28 2.84
CA ARG C 139 25.95 1.09 1.99
C ARG C 139 24.53 0.78 1.55
N PHE C 140 23.54 1.42 2.15
CA PHE C 140 22.16 1.15 1.76
C PHE C 140 21.98 1.49 0.28
N PRO C 141 21.25 0.67 -0.48
CA PRO C 141 21.14 0.91 -1.92
C PRO C 141 20.14 2.00 -2.25
N ALA C 142 20.45 2.73 -3.32
CA ALA C 142 19.54 3.75 -3.86
C ALA C 142 18.33 3.13 -4.54
N PHE C 143 18.45 1.91 -5.03
CA PHE C 143 17.43 1.30 -5.88
C PHE C 143 17.54 -0.20 -5.74
N THR C 144 16.41 -0.90 -5.82
CA THR C 144 16.39 -2.34 -5.58
C THR C 144 15.68 -3.06 -6.72
N ALA C 145 15.87 -4.38 -6.75
CA ALA C 145 15.21 -5.19 -7.78
C ALA C 145 13.70 -5.21 -7.60
N GLN C 146 13.19 -4.87 -6.42
CA GLN C 146 11.75 -4.66 -6.26
C GLN C 146 11.30 -3.28 -6.73
N GLY C 147 12.21 -2.32 -6.80
CA GLY C 147 11.83 -0.96 -7.10
C GLY C 147 12.42 0.01 -6.09
N GLU C 148 11.70 1.07 -5.76
CA GLU C 148 12.27 2.13 -4.93
C GLU C 148 12.71 1.55 -3.58
N SER C 149 13.89 1.99 -3.12
CA SER C 149 14.45 1.49 -1.88
C SER C 149 13.75 2.17 -0.70
N LEU C 150 14.03 1.71 0.50
CA LEU C 150 13.26 2.29 1.59
C LEU C 150 13.90 3.54 2.16
N VAL C 151 15.10 3.90 1.70
CA VAL C 151 15.91 4.89 2.39
C VAL C 151 16.39 5.99 1.46
N TRP C 152 15.79 6.10 0.27
CA TRP C 152 16.21 7.22 -0.57
C TRP C 152 15.83 8.56 0.03
N HIS C 153 14.89 8.55 0.98
CA HIS C 153 14.54 9.79 1.67
C HIS C 153 15.72 10.37 2.44
N PHE C 154 16.74 9.57 2.78
CA PHE C 154 17.93 10.15 3.41
C PHE C 154 18.48 11.28 2.55
N SER C 155 18.64 11.00 1.26
CA SER C 155 19.19 11.98 0.33
C SER C 155 18.19 13.09 0.03
N PHE C 156 16.92 12.74 -0.20
CA PHE C 156 15.90 13.73 -0.52
C PHE C 156 15.77 14.75 0.60
N PHE C 157 15.69 14.26 1.84
CA PHE C 157 15.49 15.14 2.98
C PHE C 157 16.75 15.92 3.33
N ALA C 158 17.94 15.38 3.04
CA ALA C 158 19.19 16.07 3.36
C ALA C 158 19.61 17.06 2.29
N ALA C 159 19.02 17.00 1.10
CA ALA C 159 19.43 17.85 -0.02
C ALA C 159 19.36 19.32 0.38
N ASP C 160 20.28 20.12 -0.14
CA ASP C 160 20.27 21.53 0.24
C ASP C 160 19.25 22.28 -0.61
N ASP C 161 19.30 23.61 -0.58
CA ASP C 161 18.31 24.47 -1.24
C ASP C 161 16.89 24.25 -0.72
N ARG C 162 16.74 23.66 0.46
CA ARG C 162 15.41 23.38 1.00
C ARG C 162 14.59 22.58 0.00
N LEU C 163 15.24 21.64 -0.67
CA LEU C 163 14.59 20.92 -1.77
C LEU C 163 13.29 20.25 -1.31
N ALA C 164 13.36 19.50 -0.21
CA ALA C 164 12.18 18.75 0.23
C ALA C 164 11.04 19.68 0.66
N GLU C 165 11.34 20.70 1.49
CA GLU C 165 10.28 21.63 1.88
C GLU C 165 9.65 22.30 0.67
N THR C 166 10.49 22.70 -0.29
CA THR C 166 9.97 23.45 -1.43
C THR C 166 9.05 22.57 -2.28
N LEU C 167 9.40 21.30 -2.45
CA LEU C 167 8.55 20.42 -3.24
C LEU C 167 7.31 19.97 -2.49
N ILE C 168 7.42 19.77 -1.17
CA ILE C 168 6.32 19.18 -0.43
C ILE C 168 5.33 20.25 0.08
N ALA C 169 5.75 21.52 0.15
CA ALA C 169 4.84 22.56 0.65
C ALA C 169 3.57 22.59 -0.19
N GLY C 170 2.42 22.65 0.47
CA GLY C 170 1.14 22.57 -0.22
C GLY C 170 0.69 21.17 -0.59
N LYS C 171 1.56 20.16 -0.44
CA LYS C 171 1.26 18.78 -0.79
C LYS C 171 1.60 17.85 0.38
N GLU C 172 1.55 18.37 1.62
CA GLU C 172 2.04 17.63 2.78
C GLU C 172 1.19 16.42 3.06
N ARG C 173 -0.14 16.57 2.92
CA ARG C 173 -1.05 15.46 3.20
C ARG C 173 -0.88 14.36 2.18
N PHE C 174 -0.74 14.73 0.90
CA PHE C 174 -0.43 13.77 -0.14
C PHE C 174 0.90 13.06 0.12
N PHE C 175 1.96 13.81 0.41
CA PHE C 175 3.25 13.18 0.58
C PHE C 175 3.26 12.22 1.77
N LEU C 176 2.67 12.62 2.89
CA LEU C 176 2.78 11.81 4.08
C LEU C 176 2.01 10.50 3.91
N GLU C 177 0.87 10.53 3.23
CA GLU C 177 0.16 9.27 3.00
C GLU C 177 1.00 8.34 2.14
N HIS C 178 1.62 8.87 1.09
CA HIS C 178 2.46 8.01 0.25
C HIS C 178 3.66 7.48 1.04
N PHE C 179 4.32 8.35 1.80
CA PHE C 179 5.51 7.95 2.54
C PHE C 179 5.17 6.89 3.58
N ILE C 180 4.11 7.11 4.36
CA ILE C 180 3.78 6.15 5.41
C ILE C 180 3.38 4.81 4.80
N LYS C 181 2.47 4.83 3.83
CA LYS C 181 2.01 3.56 3.28
C LYS C 181 3.12 2.84 2.51
N SER C 182 4.03 3.56 1.85
CA SER C 182 5.11 2.88 1.15
CA SER C 182 5.13 2.91 1.15
C SER C 182 6.08 2.22 2.10
N HIS C 183 6.07 2.61 3.39
CA HIS C 183 6.91 1.99 4.40
C HIS C 183 6.15 1.02 5.29
N ALA C 184 4.96 0.61 4.87
CA ALA C 184 4.10 -0.24 5.69
C ALA C 184 3.84 -1.57 4.99
N SER C 185 3.60 -2.60 5.82
CA SER C 185 3.05 -3.87 5.38
C SER C 185 1.54 -3.90 5.57
N ASN C 186 1.08 -3.56 6.78
CA ASN C 186 -0.35 -3.50 7.10
CA ASN C 186 -0.34 -3.48 7.10
C ASN C 186 -0.81 -2.06 6.88
N THR C 187 -0.99 -1.70 5.61
CA THR C 187 -1.26 -0.31 5.29
C THR C 187 -2.62 0.17 5.76
N GLU C 188 -3.57 -0.72 5.99
N GLU C 188 -3.57 -0.76 5.98
CA GLU C 188 -4.93 -0.22 6.15
CA GLU C 188 -4.97 -0.43 6.22
C GLU C 188 -5.26 0.23 7.58
C GLU C 188 -5.18 0.35 7.51
N VAL C 189 -4.27 0.23 8.48
CA VAL C 189 -4.44 0.93 9.75
C VAL C 189 -4.29 2.43 9.57
N PHE C 190 -3.76 2.88 8.44
CA PHE C 190 -3.60 4.31 8.20
C PHE C 190 -4.83 4.83 7.49
N SER C 191 -5.89 4.99 8.27
CA SER C 191 -7.14 5.56 7.81
C SER C 191 -6.92 7.01 7.37
N GLU C 192 -7.84 7.50 6.53
CA GLU C 192 -7.77 8.89 6.12
C GLU C 192 -7.80 9.81 7.34
N ARG C 193 -8.58 9.44 8.35
CA ARG C 193 -8.71 10.24 9.56
C ARG C 193 -7.39 10.32 10.33
N LEU C 194 -6.71 9.18 10.49
CA LEU C 194 -5.42 9.19 11.18
C LEU C 194 -4.39 9.97 10.38
N LEU C 195 -4.37 9.77 9.05
CA LEU C 195 -3.42 10.52 8.22
C LEU C 195 -3.67 12.01 8.30
N ASP C 196 -4.94 12.42 8.36
CA ASP C 196 -5.25 13.84 8.52
C ASP C 196 -4.60 14.40 9.77
N LEU C 197 -4.67 13.66 10.89
CA LEU C 197 -4.09 14.14 12.14
C LEU C 197 -2.59 14.31 12.02
N TYR C 198 -1.89 13.31 11.49
CA TYR C 198 -0.45 13.42 11.36
C TYR C 198 -0.06 14.50 10.36
N ALA C 199 -0.80 14.63 9.26
CA ALA C 199 -0.38 15.59 8.24
C ALA C 199 -0.58 17.02 8.74
N ARG C 200 -1.66 17.26 9.48
CA ARG C 200 -1.89 18.60 10.00
C ARG C 200 -0.74 19.05 10.90
N SER C 201 -0.15 18.10 11.64
CA SER C 201 0.93 18.47 12.56
C SER C 201 2.21 18.78 11.81
N TYR C 202 2.65 17.89 10.94
CA TYR C 202 3.94 18.12 10.30
C TYR C 202 3.86 19.14 9.17
N ALA C 203 2.65 19.56 8.77
CA ALA C 203 2.54 20.59 7.75
C ALA C 203 2.74 22.00 8.32
N LYS C 204 2.77 22.18 9.63
CA LYS C 204 3.18 23.47 10.17
C LYS C 204 4.55 23.81 9.59
N PRO C 205 4.72 25.00 9.00
CA PRO C 205 5.98 25.25 8.28
C PRO C 205 7.24 25.00 9.08
N HIS C 206 7.27 25.37 10.37
CA HIS C 206 8.48 25.09 11.15
C HIS C 206 8.65 23.62 11.41
N SER C 207 7.56 22.85 11.44
CA SER C 207 7.65 21.40 11.64
C SER C 207 8.09 20.67 10.37
N LEU C 208 7.60 21.10 9.21
CA LEU C 208 8.08 20.54 7.95
C LEU C 208 9.58 20.76 7.83
N ASN C 209 10.05 21.97 8.11
CA ASN C 209 11.49 22.22 8.08
C ASN C 209 12.23 21.40 9.13
N ALA C 210 11.74 21.42 10.37
CA ALA C 210 12.41 20.64 11.42
C ALA C 210 12.54 19.18 11.03
N SER C 211 11.48 18.60 10.45
CA SER C 211 11.53 17.19 10.02
C SER C 211 12.77 16.89 9.20
N PHE C 212 13.09 17.77 8.25
CA PHE C 212 14.20 17.53 7.36
C PHE C 212 15.55 17.96 7.93
N GLU C 213 15.56 18.87 8.91
CA GLU C 213 16.82 19.26 9.53
C GLU C 213 17.47 18.07 10.24
N TYR C 214 16.67 17.14 10.77
CA TYR C 214 17.24 15.92 11.36
C TYR C 214 18.07 15.15 10.34
N TYR C 215 17.64 15.16 9.08
CA TYR C 215 18.38 14.46 8.03
C TYR C 215 19.54 15.29 7.52
N ARG C 216 19.41 16.61 7.51
CA ARG C 216 20.53 17.47 7.16
C ARG C 216 21.66 17.38 8.19
N ALA C 217 21.35 16.93 9.41
CA ALA C 217 22.35 16.71 10.44
C ALA C 217 22.81 15.26 10.52
N LEU C 218 22.28 14.38 9.65
CA LEU C 218 22.58 12.96 9.79
C LEU C 218 24.08 12.67 9.68
N ASN C 219 24.78 13.31 8.72
CA ASN C 219 26.21 13.03 8.60
C ASN C 219 26.98 13.49 9.83
N GLU C 220 26.59 14.64 10.40
CA GLU C 220 27.19 15.07 11.65
C GLU C 220 26.94 14.04 12.76
N SER C 221 25.72 13.49 12.82
CA SER C 221 25.41 12.47 13.82
C SER C 221 26.28 11.23 13.62
N VAL C 222 26.51 10.83 12.37
CA VAL C 222 27.42 9.72 12.10
C VAL C 222 28.79 10.01 12.67
N ARG C 223 29.32 11.22 12.40
CA ARG C 223 30.65 11.56 12.88
C ARG C 223 30.69 11.60 14.41
N GLN C 224 29.62 12.08 15.04
CA GLN C 224 29.53 12.06 16.48
C GLN C 224 29.58 10.64 17.02
N ASN C 225 28.80 9.73 16.42
CA ASN C 225 28.67 8.38 16.95
C ASN C 225 29.92 7.57 16.72
N ALA C 226 30.77 7.94 15.75
CA ALA C 226 32.02 7.25 15.55
C ALA C 226 32.91 7.33 16.79
N GLU C 227 32.83 8.44 17.52
CA GLU C 227 33.55 8.56 18.78
C GLU C 227 32.80 7.88 19.92
N LEU C 228 31.48 8.10 20.01
CA LEU C 228 30.71 7.57 21.14
C LEU C 228 30.70 6.05 21.14
N ALA C 229 30.70 5.41 19.97
CA ALA C 229 30.58 3.96 19.91
C ALA C 229 31.80 3.22 20.45
N LYS C 230 32.86 3.94 20.86
CA LYS C 230 34.00 3.29 21.48
C LYS C 230 33.67 2.65 22.82
N THR C 231 32.52 2.97 23.40
CA THR C 231 32.04 2.37 24.64
C THR C 231 30.73 1.65 24.34
N ARG C 232 30.71 0.34 24.57
CA ARG C 232 29.48 -0.43 24.32
C ARG C 232 28.48 -0.21 25.45
N LEU C 233 27.19 -0.26 25.09
CA LEU C 233 26.11 -0.13 26.06
C LEU C 233 26.04 -1.37 26.94
N GLN C 234 25.82 -1.15 28.25
CA GLN C 234 25.82 -2.22 29.23
C GLN C 234 24.44 -2.60 29.74
N MET C 235 23.41 -1.81 29.47
CA MET C 235 22.12 -2.13 30.08
C MET C 235 21.33 -3.09 29.21
N PRO C 236 20.35 -3.80 29.78
CA PRO C 236 19.49 -4.67 28.97
C PRO C 236 18.82 -3.90 27.85
N THR C 237 18.94 -4.44 26.64
CA THR C 237 18.43 -3.81 25.42
CA THR C 237 18.37 -3.79 25.46
C THR C 237 17.59 -4.81 24.64
N MET C 238 16.53 -4.32 24.01
CA MET C 238 15.73 -5.12 23.09
C MET C 238 15.56 -4.33 21.80
N THR C 239 15.70 -5.00 20.66
CA THR C 239 15.42 -4.37 19.38
C THR C 239 14.17 -5.00 18.77
N LEU C 240 13.37 -4.18 18.11
CA LEU C 240 12.24 -4.66 17.33
C LEU C 240 12.34 -4.16 15.91
N ALA C 241 11.90 -4.99 14.98
CA ALA C 241 11.93 -4.65 13.57
C ALA C 241 10.78 -5.37 12.89
N GLY C 242 10.25 -4.74 11.84
CA GLY C 242 9.28 -5.41 11.01
C GLY C 242 9.95 -6.40 10.07
N GLY C 243 9.23 -7.49 9.80
CA GLY C 243 9.68 -8.46 8.82
C GLY C 243 9.00 -8.30 7.47
N GLY C 244 7.99 -7.44 7.41
CA GLY C 244 7.26 -7.18 6.19
C GLY C 244 7.81 -6.00 5.40
N HIS C 245 7.05 -5.60 4.38
CA HIS C 245 7.44 -4.46 3.55
C HIS C 245 7.65 -3.22 4.42
N GLY C 246 8.83 -2.62 4.29
CA GLY C 246 9.18 -1.48 5.11
C GLY C 246 9.93 -1.84 6.38
N GLY C 247 10.02 -3.12 6.71
CA GLY C 247 10.72 -3.52 7.92
C GLY C 247 12.21 -3.60 7.71
N MET C 248 12.97 -3.43 8.80
CA MET C 248 14.41 -3.55 8.72
C MET C 248 14.91 -4.97 8.89
N GLY C 249 14.02 -5.91 9.20
CA GLY C 249 14.40 -7.31 9.26
C GLY C 249 15.50 -7.54 10.26
N THR C 250 16.46 -8.39 9.87
CA THR C 250 17.53 -8.76 10.79
C THR C 250 18.57 -7.66 10.98
N PHE C 251 18.53 -6.59 10.17
CA PHE C 251 19.55 -5.55 10.30
C PHE C 251 19.50 -4.90 11.67
N GLN C 252 18.30 -4.71 12.21
CA GLN C 252 18.16 -4.00 13.48
C GLN C 252 18.97 -4.68 14.57
N LEU C 253 18.78 -5.99 14.74
CA LEU C 253 19.51 -6.68 15.81
C LEU C 253 20.99 -6.81 15.48
N GLU C 254 21.31 -7.12 14.22
CA GLU C 254 22.72 -7.34 13.86
C GLU C 254 23.57 -6.11 14.11
N GLN C 255 23.04 -4.92 13.80
CA GLN C 255 23.79 -3.70 14.11
C GLN C 255 23.87 -3.46 15.60
N MET C 256 22.77 -3.68 16.33
CA MET C 256 22.78 -3.42 17.77
C MET C 256 23.78 -4.32 18.49
N LYS C 257 24.06 -5.51 17.97
CA LYS C 257 25.06 -6.37 18.61
C LYS C 257 26.43 -5.70 18.65
N ALA C 258 26.73 -4.82 17.69
CA ALA C 258 28.00 -4.11 17.71
C ALA C 258 28.01 -3.01 18.75
N TYR C 259 26.83 -2.59 19.23
CA TYR C 259 26.70 -1.49 20.16
C TYR C 259 26.38 -1.90 21.59
N ALA C 260 25.86 -3.10 21.81
CA ALA C 260 25.29 -3.47 23.10
C ALA C 260 25.78 -4.83 23.54
N GLU C 261 26.11 -4.93 24.83
CA GLU C 261 26.58 -6.20 25.39
C GLU C 261 25.44 -7.19 25.63
N ASP C 262 24.25 -6.69 25.93
CA ASP C 262 23.12 -7.50 26.40
C ASP C 262 21.93 -7.11 25.53
N VAL C 263 21.69 -7.86 24.45
CA VAL C 263 20.67 -7.48 23.49
C VAL C 263 19.90 -8.71 23.04
N GLU C 264 18.58 -8.56 22.99
CA GLU C 264 17.71 -9.55 22.36
C GLU C 264 16.90 -8.83 21.30
N GLY C 265 16.62 -9.52 20.21
CA GLY C 265 15.97 -8.91 19.08
C GLY C 265 14.79 -9.73 18.60
N HIS C 266 13.81 -9.02 18.01
CA HIS C 266 12.64 -9.66 17.43
C HIS C 266 12.33 -9.03 16.07
N VAL C 267 11.97 -9.88 15.12
CA VAL C 267 11.43 -9.46 13.84
C VAL C 267 9.97 -9.88 13.81
N LEU C 268 9.07 -8.92 13.58
CA LEU C 268 7.64 -9.15 13.63
C LEU C 268 7.12 -9.38 12.23
N PRO C 269 6.61 -10.57 11.90
CA PRO C 269 6.19 -10.85 10.52
C PRO C 269 4.93 -10.11 10.15
N GLY C 270 4.83 -9.75 8.87
CA GLY C 270 3.63 -9.07 8.41
C GLY C 270 3.51 -7.64 8.88
N CYS C 271 4.62 -7.04 9.31
CA CYS C 271 4.69 -5.72 9.89
C CYS C 271 5.82 -4.96 9.21
N GLY C 272 5.56 -3.72 8.84
CA GLY C 272 6.59 -2.88 8.25
C GLY C 272 7.26 -1.95 9.24
N HIS C 273 7.29 -0.66 8.89
CA HIS C 273 7.98 0.31 9.72
C HIS C 273 7.18 0.74 10.95
N TRP C 274 5.87 0.88 10.82
CA TRP C 274 5.07 1.61 11.81
C TRP C 274 4.53 0.63 12.84
N LEU C 275 5.45 0.03 13.61
CA LEU C 275 5.07 -1.11 14.45
C LEU C 275 3.97 -0.82 15.46
N PRO C 276 3.96 0.33 16.16
CA PRO C 276 2.89 0.55 17.16
C PRO C 276 1.50 0.54 16.56
N GLU C 277 1.37 0.89 15.28
CA GLU C 277 0.07 0.95 14.63
C GLU C 277 -0.24 -0.27 13.77
N GLU C 278 0.75 -0.77 13.03
CA GLU C 278 0.55 -1.94 12.17
C GLU C 278 0.42 -3.22 12.98
N CYS C 279 1.12 -3.32 14.11
CA CYS C 279 1.19 -4.56 14.84
C CYS C 279 1.14 -4.28 16.36
N ALA C 280 0.09 -3.59 16.77
CA ALA C 280 -0.02 -3.12 18.16
C ALA C 280 0.03 -4.26 19.16
N ALA C 281 -0.74 -5.33 18.92
CA ALA C 281 -0.82 -6.37 19.94
C ALA C 281 0.53 -7.05 20.18
N PRO C 282 1.24 -7.57 19.18
CA PRO C 282 2.53 -8.21 19.49
C PRO C 282 3.58 -7.20 19.91
N MET C 283 3.61 -6.01 19.32
CA MET C 283 4.62 -5.03 19.71
C MET C 283 4.42 -4.59 21.16
N ASN C 284 3.18 -4.25 21.52
CA ASN C 284 2.94 -3.81 22.90
C ASN C 284 3.31 -4.89 23.89
N ARG C 285 2.96 -6.14 23.60
CA ARG C 285 3.28 -7.25 24.51
C ARG C 285 4.79 -7.36 24.70
N LEU C 286 5.55 -7.31 23.60
CA LEU C 286 7.00 -7.44 23.69
C LEU C 286 7.58 -6.33 24.57
N VAL C 287 7.11 -5.09 24.38
CA VAL C 287 7.66 -3.97 25.14
C VAL C 287 7.28 -4.09 26.62
N ILE C 288 6.00 -4.37 26.90
CA ILE C 288 5.56 -4.46 28.30
C ILE C 288 6.30 -5.58 29.03
N ASP C 289 6.41 -6.76 28.41
CA ASP C 289 7.12 -7.86 29.04
C ASP C 289 8.58 -7.52 29.30
N PHE C 290 9.24 -6.90 28.30
CA PHE C 290 10.67 -6.62 28.44
C PHE C 290 10.92 -5.61 29.55
N LEU C 291 10.11 -4.54 29.62
CA LEU C 291 10.27 -3.54 30.65
C LEU C 291 9.83 -4.04 32.03
N SER C 292 8.91 -5.00 32.06
CA SER C 292 8.44 -5.52 33.34
C SER C 292 9.40 -6.52 33.97
N ARG C 293 10.49 -6.90 33.29
CA ARG C 293 11.52 -7.70 33.94
C ARG C 293 12.21 -6.91 35.05
N GLY C 294 12.38 -5.60 34.85
CA GLY C 294 12.90 -4.72 35.87
C GLY C 294 11.80 -4.24 36.80
N ARG C 295 12.17 -3.30 37.67
CA ARG C 295 11.24 -2.80 38.67
C ARG C 295 10.10 -2.02 38.03
N HIS C 296 8.88 -2.22 38.55
CA HIS C 296 7.71 -1.51 38.06
C HIS C 296 6.66 -1.47 39.15
N HIS C 297 5.81 -0.45 39.09
CA HIS C 297 4.68 -0.30 40.01
C HIS C 297 3.68 -1.44 39.83
N ALA D 1 5.86 26.82 -33.73
CA ALA D 1 6.84 27.26 -32.74
C ALA D 1 7.75 26.10 -32.33
N GLU D 2 8.95 26.44 -31.90
CA GLU D 2 9.95 25.46 -31.49
C GLU D 2 10.30 25.68 -30.03
N GLU D 3 10.51 24.58 -29.30
CA GLU D 3 10.92 24.71 -27.92
C GLU D 3 12.35 25.21 -27.79
N PHE D 4 13.21 24.87 -28.76
CA PHE D 4 14.61 25.24 -28.72
C PHE D 4 15.06 25.75 -30.10
N PRO D 5 16.01 26.68 -30.13
CA PRO D 5 16.49 27.22 -31.42
C PRO D 5 17.20 26.16 -32.26
N VAL D 6 16.83 26.10 -33.54
CA VAL D 6 17.44 25.16 -34.49
C VAL D 6 18.69 25.76 -35.10
N PRO D 7 19.81 25.05 -35.14
CA PRO D 7 21.03 25.61 -35.77
C PRO D 7 20.84 25.86 -37.25
N ASN D 8 21.56 26.86 -37.76
CA ASN D 8 21.51 27.17 -39.18
CA ASN D 8 21.51 27.17 -39.18
C ASN D 8 21.88 25.94 -40.01
N GLY D 9 21.12 25.71 -41.08
CA GLY D 9 21.38 24.56 -41.92
C GLY D 9 20.76 23.27 -41.43
N PHE D 10 20.02 23.30 -40.33
CA PHE D 10 19.27 22.15 -39.84
C PHE D 10 17.78 22.42 -39.99
N GLU D 11 17.01 21.34 -40.03
CA GLU D 11 15.56 21.41 -40.07
C GLU D 11 14.95 20.66 -38.90
N SER D 12 13.87 21.21 -38.36
CA SER D 12 13.03 20.54 -37.38
C SER D 12 11.90 19.86 -38.14
N ALA D 13 11.68 18.57 -37.86
CA ALA D 13 10.69 17.81 -38.62
C ALA D 13 10.13 16.68 -37.77
N TYR D 14 9.19 15.93 -38.35
CA TYR D 14 8.50 14.86 -37.66
C TYR D 14 8.35 13.66 -38.59
N ARG D 15 8.39 12.47 -38.00
CA ARG D 15 8.06 11.25 -38.72
C ARG D 15 7.18 10.38 -37.83
N GLU D 16 6.22 9.69 -38.45
CA GLU D 16 5.47 8.65 -37.75
C GLU D 16 6.29 7.37 -37.74
N VAL D 17 6.41 6.76 -36.56
CA VAL D 17 7.04 5.45 -36.40
C VAL D 17 6.10 4.62 -35.56
N ASP D 18 5.55 3.54 -36.13
CA ASP D 18 4.62 2.68 -35.41
C ASP D 18 3.51 3.50 -34.76
N GLY D 19 3.00 4.48 -35.50
CA GLY D 19 1.87 5.29 -35.06
C GLY D 19 2.21 6.37 -34.06
N VAL D 20 3.49 6.64 -33.83
CA VAL D 20 3.92 7.63 -32.84
C VAL D 20 4.69 8.72 -33.59
N LYS D 21 4.29 9.98 -33.38
CA LYS D 21 4.88 11.11 -34.09
C LYS D 21 6.13 11.56 -33.36
N LEU D 22 7.29 11.28 -33.94
CA LEU D 22 8.57 11.64 -33.33
C LEU D 22 9.10 12.94 -33.92
N HIS D 23 9.55 13.85 -33.06
CA HIS D 23 10.23 15.07 -33.49
C HIS D 23 11.72 14.83 -33.57
N TYR D 24 12.37 15.48 -34.53
CA TYR D 24 13.82 15.40 -34.61
C TYR D 24 14.34 16.65 -35.29
N VAL D 25 15.65 16.87 -35.18
CA VAL D 25 16.34 17.94 -35.88
C VAL D 25 17.44 17.28 -36.70
N LYS D 26 17.53 17.65 -37.97
CA LYS D 26 18.33 16.92 -38.94
C LYS D 26 19.10 17.88 -39.85
N GLY D 27 20.36 17.54 -40.11
CA GLY D 27 21.15 18.33 -41.04
C GLY D 27 22.37 17.56 -41.49
N GLY D 28 23.04 18.09 -42.51
CA GLY D 28 24.30 17.52 -42.96
C GLY D 28 24.11 16.57 -44.13
N GLN D 29 25.23 15.99 -44.54
CA GLN D 29 25.29 15.04 -45.65
C GLN D 29 26.31 13.97 -45.32
N GLY D 30 26.08 12.76 -45.83
CA GLY D 30 26.96 11.65 -45.59
C GLY D 30 26.30 10.57 -44.75
N PRO D 31 27.08 9.62 -44.24
CA PRO D 31 26.50 8.55 -43.40
C PRO D 31 25.78 9.12 -42.19
N LEU D 32 24.78 8.39 -41.72
CA LEU D 32 23.92 8.86 -40.64
C LEU D 32 24.57 8.67 -39.28
N VAL D 33 24.45 9.70 -38.43
CA VAL D 33 24.74 9.59 -37.00
C VAL D 33 23.49 10.02 -36.26
N MET D 34 23.01 9.19 -35.35
CA MET D 34 21.86 9.53 -34.51
C MET D 34 22.36 9.84 -33.11
N LEU D 35 21.95 10.99 -32.59
CA LEU D 35 22.31 11.46 -31.25
C LEU D 35 21.07 11.41 -30.37
N VAL D 36 21.17 10.73 -29.23
CA VAL D 36 20.00 10.45 -28.38
C VAL D 36 20.24 11.03 -27.00
N HIS D 37 19.39 11.98 -26.61
CA HIS D 37 19.50 12.73 -25.36
C HIS D 37 19.00 11.91 -24.17
N GLY D 38 19.12 12.52 -22.99
CA GLY D 38 18.72 11.87 -21.74
C GLY D 38 17.73 12.68 -20.92
N PHE D 39 17.58 12.29 -19.64
CA PHE D 39 16.61 12.92 -18.77
C PHE D 39 16.93 14.40 -18.53
N GLY D 40 15.86 15.20 -18.44
CA GLY D 40 15.98 16.60 -18.16
C GLY D 40 16.21 17.45 -19.38
N GLN D 41 16.43 16.82 -20.53
CA GLN D 41 16.90 17.52 -21.71
C GLN D 41 16.13 17.02 -22.91
N THR D 42 16.58 17.47 -24.09
CA THR D 42 15.94 17.19 -25.36
C THR D 42 17.04 17.08 -26.40
N TRP D 43 16.65 17.03 -27.68
CA TRP D 43 17.63 17.08 -28.77
C TRP D 43 18.64 18.20 -28.58
N TYR D 44 18.22 19.29 -27.93
CA TYR D 44 19.01 20.51 -27.91
C TYR D 44 20.35 20.36 -27.18
N GLU D 45 20.50 19.36 -26.32
CA GLU D 45 21.79 19.19 -25.67
C GLU D 45 22.90 18.94 -26.69
N TRP D 46 22.54 18.48 -27.90
CA TRP D 46 23.49 18.20 -28.96
C TRP D 46 23.73 19.40 -29.88
N HIS D 47 23.17 20.57 -29.59
CA HIS D 47 23.16 21.61 -30.62
C HIS D 47 24.54 22.20 -30.89
N GLN D 48 25.51 22.03 -29.97
CA GLN D 48 26.86 22.49 -30.28
C GLN D 48 27.65 21.47 -31.08
N LEU D 49 27.40 20.17 -30.84
CA LEU D 49 28.07 19.11 -31.58
C LEU D 49 27.53 19.02 -33.01
N MET D 50 26.22 19.27 -33.18
CA MET D 50 25.56 18.99 -34.46
C MET D 50 26.18 19.72 -35.65
N PRO D 51 26.45 21.03 -35.61
CA PRO D 51 27.03 21.66 -36.81
C PRO D 51 28.41 21.15 -37.17
N GLU D 52 29.22 20.82 -36.16
CA GLU D 52 30.56 20.29 -36.42
C GLU D 52 30.47 18.89 -37.01
N LEU D 53 29.56 18.07 -36.50
CA LEU D 53 29.41 16.72 -37.01
C LEU D 53 28.82 16.75 -38.42
N ALA D 54 27.97 17.74 -38.71
CA ALA D 54 27.30 17.84 -40.01
C ALA D 54 28.25 18.12 -41.17
N LYS D 55 29.52 18.45 -40.89
CA LYS D 55 30.49 18.66 -41.95
C LYS D 55 30.88 17.35 -42.63
N ARG D 56 30.70 16.22 -41.94
CA ARG D 56 31.07 14.92 -42.50
C ARG D 56 29.96 13.88 -42.46
N PHE D 57 28.85 14.15 -41.77
CA PHE D 57 27.80 13.16 -41.57
C PHE D 57 26.44 13.81 -41.74
N THR D 58 25.44 12.98 -42.08
CA THR D 58 24.05 13.34 -41.85
C THR D 58 23.75 13.14 -40.37
N VAL D 59 23.22 14.16 -39.71
CA VAL D 59 23.05 14.15 -38.26
C VAL D 59 21.56 14.24 -37.96
N ILE D 60 21.06 13.32 -37.13
CA ILE D 60 19.68 13.38 -36.67
C ILE D 60 19.67 13.28 -35.15
N ALA D 61 18.93 14.20 -34.51
CA ALA D 61 18.80 14.23 -33.06
C ALA D 61 17.32 14.20 -32.73
N PRO D 62 16.76 13.04 -32.38
CA PRO D 62 15.33 12.97 -32.06
C PRO D 62 15.07 13.33 -30.61
N ASP D 63 13.84 13.77 -30.36
CA ASP D 63 13.31 13.81 -28.99
C ASP D 63 12.80 12.44 -28.61
N LEU D 64 13.20 11.96 -27.43
CA LEU D 64 12.71 10.69 -26.94
C LEU D 64 11.18 10.72 -26.83
N PRO D 65 10.53 9.57 -27.03
CA PRO D 65 9.06 9.53 -26.93
C PRO D 65 8.55 10.20 -25.67
N GLY D 66 7.57 11.09 -25.85
CA GLY D 66 6.97 11.81 -24.74
C GLY D 66 7.73 13.04 -24.29
N LEU D 67 9.02 13.14 -24.60
CA LEU D 67 9.84 14.29 -24.24
C LEU D 67 10.01 15.22 -25.42
N GLY D 68 10.48 16.44 -25.14
CA GLY D 68 10.57 17.46 -26.17
C GLY D 68 9.26 17.59 -26.92
N GLN D 69 9.33 17.50 -28.24
CA GLN D 69 8.13 17.60 -29.08
C GLN D 69 7.69 16.26 -29.66
N SER D 70 8.11 15.13 -29.06
CA SER D 70 7.72 13.81 -29.52
C SER D 70 6.52 13.28 -28.76
N GLU D 71 5.63 12.60 -29.48
CA GLU D 71 4.47 11.98 -28.83
C GLU D 71 4.93 10.88 -27.88
N PRO D 72 4.18 10.61 -26.82
CA PRO D 72 4.51 9.47 -25.96
C PRO D 72 4.45 8.16 -26.72
N PRO D 73 5.17 7.14 -26.25
CA PRO D 73 5.08 5.82 -26.90
C PRO D 73 3.70 5.21 -26.72
N LYS D 74 3.32 4.36 -27.65
CA LYS D 74 2.07 3.63 -27.55
C LYS D 74 2.25 2.21 -27.03
N THR D 75 3.49 1.73 -26.97
CA THR D 75 3.77 0.40 -26.41
C THR D 75 4.12 0.53 -24.94
N GLY D 76 5.24 1.18 -24.64
CA GLY D 76 5.65 1.36 -23.27
C GLY D 76 7.01 2.04 -23.22
N TYR D 77 7.52 2.21 -22.00
CA TYR D 77 8.75 2.97 -21.77
C TYR D 77 9.93 2.09 -21.39
N SER D 78 9.81 0.76 -21.50
CA SER D 78 10.96 -0.09 -21.26
C SER D 78 11.96 0.08 -22.40
N GLY D 79 13.21 -0.29 -22.10
CA GLY D 79 14.27 -0.09 -23.07
C GLY D 79 13.99 -0.74 -24.41
N GLU D 80 13.47 -1.99 -24.37
CA GLU D 80 13.22 -2.70 -25.61
C GLU D 80 12.10 -2.06 -26.42
N GLN D 81 11.08 -1.54 -25.73
CA GLN D 81 9.98 -0.92 -26.44
C GLN D 81 10.41 0.40 -27.07
N VAL D 82 11.16 1.21 -26.33
CA VAL D 82 11.53 2.52 -26.85
C VAL D 82 12.56 2.36 -27.97
N ALA D 83 13.46 1.38 -27.82
CA ALA D 83 14.49 1.14 -28.82
C ALA D 83 13.89 0.86 -30.20
N VAL D 84 12.74 0.19 -30.26
CA VAL D 84 12.08 -0.04 -31.55
C VAL D 84 11.84 1.28 -32.28
N TYR D 85 11.29 2.27 -31.57
CA TYR D 85 10.99 3.54 -32.22
C TYR D 85 12.26 4.18 -32.75
N LEU D 86 13.32 4.18 -31.96
CA LEU D 86 14.55 4.85 -32.37
C LEU D 86 15.23 4.11 -33.51
N HIS D 87 15.24 2.77 -33.45
CA HIS D 87 15.84 2.00 -34.55
C HIS D 87 15.09 2.24 -35.85
N LYS D 88 13.76 2.17 -35.80
CA LYS D 88 12.99 2.35 -37.04
C LYS D 88 13.11 3.78 -37.58
N LEU D 89 13.17 4.77 -36.68
CA LEU D 89 13.39 6.14 -37.15
C LEU D 89 14.71 6.23 -37.91
N ALA D 90 15.78 5.69 -37.33
CA ALA D 90 17.09 5.74 -37.98
C ALA D 90 17.06 5.03 -39.32
N ARG D 91 16.41 3.86 -39.36
CA ARG D 91 16.35 3.11 -40.61
C ARG D 91 15.55 3.81 -41.69
N GLN D 92 14.61 4.70 -41.34
CA GLN D 92 13.96 5.49 -42.38
C GLN D 92 14.95 6.34 -43.14
N PHE D 93 16.01 6.79 -42.45
CA PHE D 93 16.98 7.68 -43.07
C PHE D 93 18.24 6.98 -43.53
N SER D 94 18.52 5.78 -43.02
CA SER D 94 19.71 5.01 -43.41
C SER D 94 19.32 3.57 -43.70
N PRO D 95 18.47 3.34 -44.71
CA PRO D 95 17.99 1.97 -44.96
C PRO D 95 19.05 1.03 -45.53
N ASP D 96 20.08 1.56 -46.20
CA ASP D 96 21.01 0.74 -46.97
C ASP D 96 22.42 0.67 -46.38
N ARG D 97 22.66 1.29 -45.24
CA ARG D 97 23.99 1.23 -44.66
C ARG D 97 23.86 1.36 -43.15
N PRO D 98 24.82 0.84 -42.39
CA PRO D 98 24.77 1.01 -40.94
C PRO D 98 24.96 2.47 -40.56
N PHE D 99 24.42 2.84 -39.42
CA PHE D 99 24.53 4.20 -38.92
C PHE D 99 25.29 4.22 -37.60
N ASP D 100 25.78 5.40 -37.24
CA ASP D 100 26.44 5.60 -35.96
C ASP D 100 25.44 6.06 -34.92
N LEU D 101 25.74 5.73 -33.66
CA LEU D 101 24.85 6.05 -32.55
C LEU D 101 25.65 6.68 -31.43
N VAL D 102 25.18 7.82 -30.93
CA VAL D 102 25.74 8.50 -29.78
C VAL D 102 24.60 8.69 -28.77
N ALA D 103 24.78 8.24 -27.54
CA ALA D 103 23.69 8.37 -26.57
C ALA D 103 24.22 8.79 -25.21
N HIS D 104 23.37 9.56 -24.50
CA HIS D 104 23.68 10.14 -23.19
C HIS D 104 22.60 9.74 -22.19
N ASP D 105 23.01 9.33 -20.98
CA ASP D 105 22.06 9.12 -19.86
C ASP D 105 21.03 8.09 -20.32
N ILE D 106 19.71 8.34 -20.18
CA ILE D 106 18.74 7.29 -20.51
C ILE D 106 18.63 7.05 -22.00
N GLY D 107 19.29 7.88 -22.82
CA GLY D 107 19.45 7.53 -24.22
C GLY D 107 20.13 6.18 -24.40
N ILE D 108 21.02 5.83 -23.47
CA ILE D 108 21.64 4.50 -23.46
C ILE D 108 20.59 3.42 -23.19
N TRP D 109 19.75 3.65 -22.18
CA TRP D 109 18.72 2.67 -21.83
C TRP D 109 17.81 2.40 -23.02
N ASN D 110 17.51 3.45 -23.77
CA ASN D 110 16.55 3.42 -24.84
C ASN D 110 17.15 3.02 -26.17
N THR D 111 18.45 2.74 -26.23
CA THR D 111 19.07 2.30 -27.47
C THR D 111 19.79 0.96 -27.37
N TYR D 112 20.30 0.59 -26.20
CA TYR D 112 21.09 -0.65 -26.10
C TYR D 112 20.36 -1.86 -26.67
N PRO D 113 19.07 -2.09 -26.39
CA PRO D 113 18.41 -3.28 -26.97
C PRO D 113 18.43 -3.31 -28.50
N MET D 114 18.23 -2.18 -29.17
CA MET D 114 18.26 -2.25 -30.63
C MET D 114 19.67 -2.35 -31.17
N VAL D 115 20.67 -1.91 -30.41
CA VAL D 115 22.06 -2.11 -30.83
C VAL D 115 22.41 -3.59 -30.78
N VAL D 116 22.08 -4.25 -29.66
CA VAL D 116 22.47 -5.65 -29.52
C VAL D 116 21.68 -6.55 -30.46
N LYS D 117 20.45 -6.16 -30.82
CA LYS D 117 19.61 -7.00 -31.69
C LYS D 117 19.79 -6.72 -33.18
N ASN D 118 20.40 -5.60 -33.55
CA ASN D 118 20.56 -5.21 -34.95
C ASN D 118 21.99 -4.77 -35.18
N GLN D 119 22.95 -5.61 -34.78
CA GLN D 119 24.35 -5.18 -34.73
C GLN D 119 24.86 -4.79 -36.10
N ALA D 120 24.36 -5.44 -37.16
CA ALA D 120 24.80 -5.08 -38.50
C ALA D 120 24.30 -3.70 -38.93
N ASP D 121 23.35 -3.11 -38.20
CA ASP D 121 22.87 -1.77 -38.50
C ASP D 121 23.68 -0.68 -37.83
N ILE D 122 24.63 -1.01 -36.96
CA ILE D 122 25.32 -0.04 -36.11
C ILE D 122 26.79 -0.04 -36.46
N ALA D 123 27.26 1.02 -37.13
CA ALA D 123 28.67 1.06 -37.51
C ALA D 123 29.56 1.30 -36.29
N ARG D 124 29.34 2.42 -35.59
CA ARG D 124 30.13 2.79 -34.43
C ARG D 124 29.20 3.32 -33.35
N LEU D 125 29.61 3.14 -32.09
CA LEU D 125 28.75 3.39 -30.94
C LEU D 125 29.49 4.26 -29.93
N VAL D 126 28.83 5.31 -29.44
CA VAL D 126 29.39 6.18 -28.40
C VAL D 126 28.37 6.28 -27.28
N TYR D 127 28.75 5.86 -26.07
CA TYR D 127 27.86 5.88 -24.91
C TYR D 127 28.49 6.76 -23.83
N MET D 128 27.68 7.64 -23.22
CA MET D 128 28.23 8.52 -22.18
C MET D 128 27.27 8.69 -21.00
N GLN D 129 27.82 8.59 -19.79
CA GLN D 129 27.16 9.01 -18.54
C GLN D 129 25.81 8.33 -18.31
N ALA D 130 25.85 6.99 -18.26
CA ALA D 130 24.76 6.20 -17.68
C ALA D 130 25.15 4.74 -17.65
N PRO D 131 24.73 4.01 -16.62
CA PRO D 131 24.89 2.57 -16.65
C PRO D 131 23.93 1.97 -17.68
N ILE D 132 24.40 0.97 -18.41
CA ILE D 132 23.40 0.10 -19.05
C ILE D 132 22.59 -0.56 -17.93
N PRO D 133 21.25 -0.62 -18.03
CA PRO D 133 20.48 -1.21 -16.92
C PRO D 133 20.83 -2.67 -16.70
N ASP D 134 21.43 -2.97 -15.55
CA ASP D 134 21.71 -4.34 -15.15
C ASP D 134 21.85 -4.35 -13.63
N ALA D 135 22.25 -5.50 -13.08
CA ALA D 135 22.26 -5.66 -11.62
C ALA D 135 23.24 -4.71 -10.94
N ARG D 136 24.18 -4.12 -11.68
CA ARG D 136 25.13 -3.20 -11.05
C ARG D 136 24.44 -2.01 -10.42
N ILE D 137 23.30 -1.58 -10.96
CA ILE D 137 22.64 -0.39 -10.43
C ILE D 137 22.08 -0.61 -9.03
N TYR D 138 21.92 -1.86 -8.61
CA TYR D 138 21.42 -2.14 -7.26
C TYR D 138 22.49 -1.97 -6.19
N ARG D 139 23.72 -1.65 -6.58
CA ARG D 139 24.82 -1.39 -5.64
C ARG D 139 25.01 0.09 -5.30
N PHE D 140 24.52 0.99 -6.14
CA PHE D 140 24.74 2.42 -5.95
C PHE D 140 24.16 2.86 -4.61
N PRO D 141 24.89 3.60 -3.78
CA PRO D 141 24.39 3.97 -2.45
CA PRO D 141 24.39 3.97 -2.45
C PRO D 141 23.31 5.05 -2.49
N ALA D 142 22.37 4.94 -1.54
CA ALA D 142 21.28 5.89 -1.43
C ALA D 142 21.74 7.22 -0.85
N PHE D 143 22.82 7.22 -0.08
CA PHE D 143 23.23 8.38 0.70
C PHE D 143 24.75 8.33 0.84
N THR D 144 25.38 9.49 0.98
CA THR D 144 26.83 9.55 1.03
C THR D 144 27.26 10.39 2.24
N ALA D 145 28.52 10.20 2.65
CA ALA D 145 29.07 10.96 3.75
C ALA D 145 29.20 12.46 3.45
N GLN D 146 28.98 12.86 2.20
CA GLN D 146 28.99 14.26 1.78
C GLN D 146 27.59 14.84 1.58
N GLY D 147 26.54 14.04 1.72
CA GLY D 147 25.19 14.50 1.48
C GLY D 147 24.47 13.65 0.45
N GLU D 148 23.57 14.27 -0.31
CA GLU D 148 22.74 13.52 -1.23
C GLU D 148 23.60 12.82 -2.28
N SER D 149 23.20 11.60 -2.62
CA SER D 149 23.86 10.82 -3.66
C SER D 149 23.43 11.30 -5.05
N LEU D 150 24.05 10.70 -6.06
CA LEU D 150 23.77 11.03 -7.46
C LEU D 150 22.68 10.17 -8.05
N VAL D 151 22.21 9.15 -7.32
CA VAL D 151 21.37 8.11 -7.90
C VAL D 151 20.06 7.93 -7.16
N TRP D 152 19.79 8.72 -6.11
CA TRP D 152 18.54 8.52 -5.39
C TRP D 152 17.35 8.85 -6.26
N HIS D 153 17.55 9.61 -7.34
CA HIS D 153 16.45 9.89 -8.25
C HIS D 153 15.91 8.62 -8.89
N PHE D 154 16.69 7.55 -8.97
CA PHE D 154 16.14 6.30 -9.48
C PHE D 154 14.87 5.93 -8.71
N SER D 155 14.92 5.98 -7.37
CA SER D 155 13.77 5.61 -6.57
C SER D 155 12.69 6.69 -6.57
N PHE D 156 13.08 7.96 -6.44
CA PHE D 156 12.12 9.06 -6.48
C PHE D 156 11.29 9.00 -7.74
N PHE D 157 11.96 8.81 -8.89
CA PHE D 157 11.24 8.83 -10.15
C PHE D 157 10.44 7.56 -10.37
N ALA D 158 10.89 6.42 -9.81
CA ALA D 158 10.16 5.16 -10.01
C ALA D 158 8.99 4.99 -9.05
N ALA D 159 8.89 5.81 -8.00
CA ALA D 159 7.81 5.67 -7.03
C ALA D 159 6.45 5.80 -7.72
N ASP D 160 5.44 5.12 -7.16
CA ASP D 160 4.08 5.18 -7.69
C ASP D 160 3.34 6.40 -7.11
N ASP D 161 2.00 6.39 -7.20
CA ASP D 161 1.16 7.54 -6.84
C ASP D 161 1.53 8.80 -7.59
N ARG D 162 2.16 8.68 -8.76
CA ARG D 162 2.68 9.85 -9.50
C ARG D 162 3.42 10.79 -8.55
N LEU D 163 4.24 10.20 -7.68
CA LEU D 163 4.88 10.98 -6.63
C LEU D 163 5.74 12.12 -7.20
N ALA D 164 6.59 11.80 -8.16
CA ALA D 164 7.47 12.82 -8.73
C ALA D 164 6.67 13.91 -9.45
N GLU D 165 5.71 13.52 -10.29
CA GLU D 165 4.91 14.54 -10.99
C GLU D 165 4.18 15.43 -10.00
N THR D 166 3.66 14.83 -8.94
CA THR D 166 2.83 15.60 -8.03
C THR D 166 3.66 16.60 -7.23
N LEU D 167 4.85 16.18 -6.78
CA LEU D 167 5.70 17.09 -6.01
C LEU D 167 6.36 18.13 -6.89
N ILE D 168 6.72 17.77 -8.12
CA ILE D 168 7.50 18.68 -8.95
C ILE D 168 6.62 19.67 -9.71
N ALA D 169 5.37 19.31 -10.01
CA ALA D 169 4.47 20.25 -10.67
C ALA D 169 4.35 21.54 -9.86
N GLY D 170 4.37 22.67 -10.56
CA GLY D 170 4.45 23.97 -9.91
C GLY D 170 5.86 24.40 -9.52
N LYS D 171 6.82 23.50 -9.53
CA LYS D 171 8.20 23.76 -9.12
C LYS D 171 9.17 23.13 -10.12
N GLU D 172 8.78 23.08 -11.40
CA GLU D 172 9.57 22.34 -12.38
C GLU D 172 10.92 23.00 -12.63
N ARG D 173 10.93 24.35 -12.74
CA ARG D 173 12.18 25.07 -12.92
C ARG D 173 13.06 24.96 -11.70
N PHE D 174 12.48 25.10 -10.50
CA PHE D 174 13.26 24.95 -9.27
C PHE D 174 13.88 23.57 -9.19
N PHE D 175 13.10 22.52 -9.40
CA PHE D 175 13.64 21.17 -9.29
C PHE D 175 14.73 20.93 -10.33
N LEU D 176 14.49 21.33 -11.57
CA LEU D 176 15.45 20.99 -12.63
C LEU D 176 16.78 21.68 -12.39
N GLU D 177 16.76 22.92 -11.89
CA GLU D 177 18.01 23.59 -11.59
C GLU D 177 18.75 22.86 -10.48
N HIS D 178 18.04 22.49 -9.40
CA HIS D 178 18.72 21.75 -8.35
C HIS D 178 19.28 20.45 -8.89
N PHE D 179 18.48 19.72 -9.69
CA PHE D 179 18.88 18.41 -10.19
C PHE D 179 20.08 18.54 -11.13
N ILE D 180 20.01 19.47 -12.08
CA ILE D 180 21.12 19.64 -13.02
C ILE D 180 22.39 20.04 -12.29
N LYS D 181 22.30 21.04 -11.41
CA LYS D 181 23.52 21.54 -10.79
C LYS D 181 24.08 20.52 -9.80
N SER D 182 23.22 19.71 -9.18
CA SER D 182 23.74 18.69 -8.26
C SER D 182 24.43 17.56 -8.98
N HIS D 183 24.20 17.42 -10.28
CA HIS D 183 24.90 16.42 -11.09
C HIS D 183 25.99 17.02 -11.94
N ALA D 184 26.33 18.29 -11.71
CA ALA D 184 27.32 19.00 -12.50
C ALA D 184 28.61 19.23 -11.73
N SER D 185 29.71 19.32 -12.48
CA SER D 185 30.92 19.96 -11.97
C SER D 185 30.96 21.44 -12.33
N ASN D 186 30.66 21.77 -13.57
CA ASN D 186 30.70 23.16 -14.01
CA ASN D 186 30.70 23.14 -14.07
C ASN D 186 29.26 23.65 -14.14
N THR D 187 28.78 24.23 -13.05
CA THR D 187 27.42 24.74 -13.04
C THR D 187 27.28 26.01 -13.86
N GLU D 188 28.40 26.69 -14.13
CA GLU D 188 28.34 27.98 -14.81
C GLU D 188 27.89 27.86 -16.25
N VAL D 189 28.01 26.68 -16.87
CA VAL D 189 27.59 26.53 -18.25
C VAL D 189 26.08 26.49 -18.40
N PHE D 190 25.32 26.43 -17.30
CA PHE D 190 23.87 26.42 -17.33
C PHE D 190 23.35 27.81 -16.96
N SER D 191 23.13 28.63 -17.97
CA SER D 191 22.59 29.95 -17.76
C SER D 191 21.14 29.85 -17.26
N GLU D 192 20.65 30.95 -16.66
CA GLU D 192 19.25 30.93 -16.26
C GLU D 192 18.33 30.73 -17.47
N ARG D 193 18.71 31.27 -18.62
CA ARG D 193 17.93 31.10 -19.84
C ARG D 193 17.92 29.64 -20.31
N LEU D 194 19.07 28.99 -20.31
CA LEU D 194 19.09 27.59 -20.73
C LEU D 194 18.23 26.73 -19.81
N LEU D 195 18.29 27.01 -18.51
CA LEU D 195 17.46 26.26 -17.57
C LEU D 195 15.98 26.54 -17.80
N ASP D 196 15.64 27.79 -18.14
CA ASP D 196 14.26 28.14 -18.47
C ASP D 196 13.76 27.29 -19.63
N LEU D 197 14.58 27.15 -20.68
CA LEU D 197 14.15 26.41 -21.87
C LEU D 197 13.93 24.94 -21.57
N TYR D 198 14.86 24.32 -20.84
CA TYR D 198 14.69 22.90 -20.51
C TYR D 198 13.51 22.70 -19.56
N ALA D 199 13.34 23.60 -18.59
CA ALA D 199 12.26 23.44 -17.63
C ALA D 199 10.90 23.58 -18.32
N ARG D 200 10.76 24.50 -19.27
CA ARG D 200 9.46 24.69 -19.90
CA ARG D 200 9.45 24.67 -19.89
C ARG D 200 9.10 23.48 -20.76
N SER D 201 10.11 22.80 -21.33
CA SER D 201 9.83 21.61 -22.12
C SER D 201 9.35 20.46 -21.24
N TYR D 202 10.11 20.11 -20.20
CA TYR D 202 9.70 18.92 -19.47
C TYR D 202 8.57 19.21 -18.50
N ALA D 203 8.19 20.49 -18.33
CA ALA D 203 7.04 20.83 -17.51
C ALA D 203 5.72 20.54 -18.22
N LYS D 204 5.71 20.33 -19.54
CA LYS D 204 4.48 19.91 -20.20
C LYS D 204 3.97 18.67 -19.48
N PRO D 205 2.69 18.61 -19.08
CA PRO D 205 2.24 17.48 -18.25
C PRO D 205 2.57 16.12 -18.84
N HIS D 206 2.41 15.91 -20.15
CA HIS D 206 2.72 14.60 -20.67
C HIS D 206 4.21 14.33 -20.70
N SER D 207 5.04 15.40 -20.75
CA SER D 207 6.49 15.23 -20.75
C SER D 207 7.03 15.01 -19.33
N LEU D 208 6.45 15.69 -18.35
CA LEU D 208 6.79 15.44 -16.96
C LEU D 208 6.51 13.98 -16.61
N ASN D 209 5.35 13.48 -17.00
CA ASN D 209 5.04 12.08 -16.75
C ASN D 209 5.95 11.15 -17.55
N ALA D 210 6.16 11.44 -18.84
CA ALA D 210 7.01 10.56 -19.64
C ALA D 210 8.40 10.44 -19.03
N SER D 211 8.95 11.57 -18.56
CA SER D 211 10.26 11.57 -17.90
C SER D 211 10.37 10.46 -16.87
N PHE D 212 9.37 10.35 -16.00
CA PHE D 212 9.46 9.39 -14.91
C PHE D 212 9.04 7.98 -15.31
N GLU D 213 8.23 7.83 -16.37
CA GLU D 213 7.86 6.49 -16.80
C GLU D 213 9.09 5.70 -17.26
N TYR D 214 10.12 6.39 -17.79
CA TYR D 214 11.36 5.67 -18.11
C TYR D 214 11.93 4.99 -16.87
N TYR D 215 11.80 5.63 -15.72
CA TYR D 215 12.30 5.06 -14.47
C TYR D 215 11.34 4.03 -13.89
N ARG D 216 10.03 4.23 -14.06
CA ARG D 216 9.09 3.21 -13.63
C ARG D 216 9.24 1.92 -14.44
N ALA D 217 9.88 1.97 -15.61
CA ALA D 217 10.16 0.78 -16.39
C ALA D 217 11.60 0.29 -16.23
N LEU D 218 12.37 0.88 -15.31
CA LEU D 218 13.80 0.57 -15.22
C LEU D 218 14.05 -0.89 -14.85
N ASN D 219 13.33 -1.40 -13.83
CA ASN D 219 13.57 -2.79 -13.46
C ASN D 219 13.15 -3.74 -14.57
N GLU D 220 12.11 -3.40 -15.34
CA GLU D 220 11.76 -4.21 -16.50
C GLU D 220 12.89 -4.18 -17.52
N SER D 221 13.52 -3.01 -17.72
CA SER D 221 14.64 -2.93 -18.64
C SER D 221 15.82 -3.76 -18.16
N VAL D 222 16.10 -3.76 -16.84
CA VAL D 222 17.14 -4.63 -16.28
C VAL D 222 16.86 -6.09 -16.63
N ARG D 223 15.61 -6.52 -16.42
CA ARG D 223 15.26 -7.91 -16.70
C ARG D 223 15.37 -8.23 -18.18
N GLN D 224 14.96 -7.29 -19.05
CA GLN D 224 15.13 -7.49 -20.49
C GLN D 224 16.61 -7.63 -20.84
N ASN D 225 17.45 -6.76 -20.27
CA ASN D 225 18.86 -6.76 -20.64
C ASN D 225 19.60 -7.97 -20.12
N ALA D 226 19.08 -8.61 -19.05
CA ALA D 226 19.70 -9.84 -18.59
C ALA D 226 19.70 -10.92 -19.67
N GLU D 227 18.64 -10.96 -20.47
CA GLU D 227 18.60 -11.88 -21.60
C GLU D 227 19.38 -11.35 -22.81
N LEU D 228 19.32 -10.04 -23.07
CA LEU D 228 20.00 -9.50 -24.25
C LEU D 228 21.52 -9.57 -24.15
N ALA D 229 22.07 -9.41 -22.95
CA ALA D 229 23.51 -9.34 -22.74
C ALA D 229 24.21 -10.68 -22.98
N LYS D 230 23.46 -11.75 -23.27
CA LYS D 230 24.09 -13.00 -23.67
C LYS D 230 24.84 -12.87 -24.99
N THR D 231 24.56 -11.82 -25.76
CA THR D 231 25.22 -11.53 -27.02
C THR D 231 26.09 -10.29 -26.86
N ARG D 232 27.40 -10.46 -27.01
CA ARG D 232 28.32 -9.35 -26.85
C ARG D 232 28.24 -8.41 -28.05
N LEU D 233 28.48 -7.12 -27.80
CA LEU D 233 28.53 -6.14 -28.89
C LEU D 233 29.86 -6.22 -29.61
N GLN D 234 29.82 -6.19 -30.95
CA GLN D 234 30.99 -6.39 -31.77
C GLN D 234 31.49 -5.15 -32.49
N MET D 235 30.70 -4.07 -32.54
CA MET D 235 31.13 -2.89 -33.29
C MET D 235 32.07 -2.03 -32.46
N PRO D 236 32.86 -1.17 -33.12
CA PRO D 236 33.74 -0.24 -32.38
C PRO D 236 32.91 0.65 -31.46
N THR D 237 33.32 0.72 -30.20
CA THR D 237 32.59 1.48 -29.19
CA THR D 237 32.59 1.51 -29.22
C THR D 237 33.55 2.39 -28.44
N MET D 238 33.05 3.57 -28.04
CA MET D 238 33.76 4.49 -27.18
C MET D 238 32.83 4.91 -26.06
N THR D 239 33.34 4.92 -24.84
CA THR D 239 32.62 5.48 -23.71
C THR D 239 33.27 6.78 -23.27
N LEU D 240 32.44 7.70 -22.79
CA LEU D 240 32.89 8.93 -22.17
C LEU D 240 32.21 9.08 -20.82
N ALA D 241 32.95 9.61 -19.85
CA ALA D 241 32.40 9.86 -18.53
C ALA D 241 33.09 11.07 -17.94
N GLY D 242 32.39 11.79 -17.06
CA GLY D 242 33.03 12.87 -16.33
C GLY D 242 33.91 12.35 -15.20
N GLY D 243 34.98 13.09 -14.93
CA GLY D 243 35.86 12.77 -13.83
C GLY D 243 35.58 13.60 -12.58
N GLY D 244 34.76 14.63 -12.71
CA GLY D 244 34.43 15.50 -11.59
C GLY D 244 33.13 15.11 -10.92
N HIS D 245 32.68 15.99 -10.03
CA HIS D 245 31.40 15.75 -9.35
C HIS D 245 30.28 15.55 -10.37
N GLY D 246 29.52 14.46 -10.20
CA GLY D 246 28.49 14.08 -11.13
C GLY D 246 28.94 13.13 -12.21
N GLY D 247 30.25 12.97 -12.39
CA GLY D 247 30.75 12.06 -13.40
C GLY D 247 30.73 10.63 -12.92
N MET D 248 30.64 9.70 -13.89
CA MET D 248 30.67 8.29 -13.54
C MET D 248 32.08 7.72 -13.44
N GLY D 249 33.10 8.51 -13.77
CA GLY D 249 34.47 8.03 -13.63
C GLY D 249 34.70 6.74 -14.41
N THR D 250 35.47 5.84 -13.79
CA THR D 250 35.85 4.59 -14.44
C THR D 250 34.69 3.62 -14.61
N PHE D 251 33.54 3.84 -13.95
CA PHE D 251 32.44 2.88 -14.05
C PHE D 251 31.98 2.69 -15.49
N GLN D 252 31.94 3.78 -16.27
CA GLN D 252 31.38 3.71 -17.62
C GLN D 252 32.15 2.72 -18.47
N LEU D 253 33.46 2.88 -18.55
CA LEU D 253 34.26 1.96 -19.36
C LEU D 253 34.28 0.56 -18.75
N GLU D 254 34.38 0.46 -17.42
CA GLU D 254 34.49 -0.86 -16.81
C GLU D 254 33.22 -1.67 -17.01
N GLN D 255 32.04 -1.04 -16.90
CA GLN D 255 30.83 -1.78 -17.24
C GLN D 255 30.81 -2.14 -18.72
N MET D 256 31.19 -1.19 -19.59
CA MET D 256 31.06 -1.45 -21.03
C MET D 256 31.96 -2.59 -21.47
N LYS D 257 33.10 -2.78 -20.79
CA LYS D 257 33.98 -3.91 -21.10
C LYS D 257 33.25 -5.24 -20.99
N ALA D 258 32.24 -5.33 -20.11
CA ALA D 258 31.47 -6.55 -19.99
C ALA D 258 30.50 -6.75 -21.14
N TYR D 259 30.20 -5.70 -21.90
CA TYR D 259 29.22 -5.76 -22.98
C TYR D 259 29.84 -5.72 -24.36
N ALA D 260 31.04 -5.18 -24.52
CA ALA D 260 31.59 -4.85 -25.83
C ALA D 260 33.00 -5.39 -25.95
N GLU D 261 33.28 -6.05 -27.07
CA GLU D 261 34.61 -6.61 -27.28
CA GLU D 261 34.62 -6.62 -27.27
C GLU D 261 35.64 -5.56 -27.67
N ASP D 262 35.21 -4.51 -28.38
CA ASP D 262 36.10 -3.50 -28.94
C ASP D 262 35.69 -2.15 -28.38
N VAL D 263 36.22 -1.77 -27.22
CA VAL D 263 35.80 -0.54 -26.56
C VAL D 263 37.02 0.23 -26.06
N GLU D 264 36.99 1.54 -26.25
CA GLU D 264 37.94 2.46 -25.64
C GLU D 264 37.14 3.48 -24.82
N GLY D 265 37.76 3.99 -23.77
CA GLY D 265 37.08 4.91 -22.89
C GLY D 265 37.94 6.11 -22.54
N HIS D 266 37.24 7.19 -22.18
CA HIS D 266 37.89 8.38 -21.65
C HIS D 266 37.11 8.88 -20.46
N VAL D 267 37.84 9.38 -19.46
CA VAL D 267 37.28 10.11 -18.33
C VAL D 267 37.76 11.55 -18.44
N LEU D 268 36.83 12.51 -18.38
CA LEU D 268 37.17 13.90 -18.64
C LEU D 268 37.29 14.67 -17.32
N PRO D 269 38.50 15.03 -16.90
CA PRO D 269 38.64 15.76 -15.62
C PRO D 269 37.98 17.12 -15.69
N GLY D 270 37.42 17.54 -14.55
CA GLY D 270 36.75 18.83 -14.48
C GLY D 270 35.36 18.85 -15.07
N CYS D 271 34.77 17.69 -15.35
CA CYS D 271 33.46 17.58 -15.97
C CYS D 271 32.60 16.63 -15.16
N GLY D 272 31.31 16.96 -15.06
CA GLY D 272 30.35 16.13 -14.37
C GLY D 272 29.49 15.32 -15.32
N HIS D 273 28.18 15.32 -15.09
CA HIS D 273 27.29 14.47 -15.88
C HIS D 273 26.96 15.06 -17.24
N TRP D 274 26.86 16.39 -17.34
CA TRP D 274 26.27 17.02 -18.52
C TRP D 274 27.34 17.32 -19.57
N LEU D 275 27.98 16.25 -20.06
CA LEU D 275 29.20 16.42 -20.86
C LEU D 275 29.05 17.34 -22.06
N PRO D 276 27.99 17.26 -22.89
CA PRO D 276 27.92 18.16 -24.05
C PRO D 276 27.94 19.62 -23.69
N GLU D 277 27.45 19.99 -22.49
CA GLU D 277 27.44 21.37 -22.06
C GLU D 277 28.60 21.73 -21.14
N GLU D 278 28.95 20.87 -20.19
CA GLU D 278 30.03 21.18 -19.28
C GLU D 278 31.38 21.11 -19.95
N CYS D 279 31.53 20.25 -20.94
CA CYS D 279 32.83 20.01 -21.55
C CYS D 279 32.64 19.82 -23.05
N ALA D 280 31.97 20.82 -23.64
CA ALA D 280 31.58 20.76 -25.06
C ALA D 280 32.77 20.49 -25.97
N ALA D 281 33.83 21.31 -25.87
CA ALA D 281 34.89 21.20 -26.87
C ALA D 281 35.63 19.87 -26.80
N PRO D 282 36.12 19.41 -25.65
CA PRO D 282 36.78 18.09 -25.65
C PRO D 282 35.84 16.94 -25.95
N MET D 283 34.60 16.98 -25.45
CA MET D 283 33.65 15.94 -25.78
C MET D 283 33.41 15.89 -27.29
N ASN D 284 33.17 17.06 -27.89
CA ASN D 284 32.92 17.11 -29.34
C ASN D 284 34.10 16.55 -30.10
N ARG D 285 35.31 16.92 -29.68
CA ARG D 285 36.53 16.47 -30.36
C ARG D 285 36.65 14.95 -30.32
N LEU D 286 36.42 14.36 -29.15
CA LEU D 286 36.58 12.92 -29.02
C LEU D 286 35.54 12.16 -29.86
N VAL D 287 34.30 12.67 -29.88
CA VAL D 287 33.23 12.03 -30.64
C VAL D 287 33.50 12.14 -32.14
N ILE D 288 33.81 13.35 -32.61
CA ILE D 288 34.07 13.57 -34.03
C ILE D 288 35.24 12.69 -34.50
N ASP D 289 36.32 12.68 -33.73
CA ASP D 289 37.50 11.89 -34.14
C ASP D 289 37.20 10.39 -34.15
N PHE D 290 36.51 9.89 -33.11
CA PHE D 290 36.19 8.46 -33.08
C PHE D 290 35.27 8.07 -34.24
N LEU D 291 34.28 8.90 -34.55
CA LEU D 291 33.37 8.56 -35.63
C LEU D 291 34.03 8.72 -37.00
N SER D 292 35.00 9.63 -37.11
CA SER D 292 35.65 9.89 -38.37
C SER D 292 36.73 8.87 -38.73
N ARG D 293 37.09 7.97 -37.80
CA ARG D 293 37.94 6.84 -38.19
C ARG D 293 37.26 6.00 -39.25
N GLY D 294 35.92 5.97 -39.26
CA GLY D 294 35.17 5.28 -40.29
C GLY D 294 34.79 6.19 -41.44
N ARG D 295 33.84 5.72 -42.25
CA ARG D 295 33.43 6.46 -43.43
C ARG D 295 32.72 7.75 -43.04
N HIS D 296 32.89 8.78 -43.87
CA HIS D 296 32.21 10.05 -43.69
C HIS D 296 32.39 10.90 -44.95
N HIS D 297 31.63 11.98 -45.02
CA HIS D 297 31.74 12.94 -46.10
C HIS D 297 33.00 13.80 -45.93
C1 7HW E . -7.71 -11.22 -6.16
C2 7HW E . -8.17 -12.48 -5.52
C4 7HW E . -9.43 -14.62 -5.79
C6 7HW E . -7.48 -15.65 -4.61
C12 7HW E . -4.92 -14.85 1.42
C13 7HW E . -4.90 -15.87 2.37
C14 7HW E . -6.01 -16.89 2.51
C15 7HW E . -5.43 -18.21 2.98
C16 7HW E . -4.72 -18.36 4.17
C17 7HW E . -3.26 -18.04 4.28
C18 7HW E . -2.53 -19.17 4.95
O4 7HW E . -2.44 -15.84 8.02
C22 7HW E . -1.43 -15.76 7.27
O3 7HW E . -1.12 -14.64 6.76
C21 7HW E . -0.60 -16.96 6.99
C20 7HW E . -0.71 -17.57 5.61
C19 7HW E . -1.39 -18.91 5.69
C11 7HW E . -5.62 -14.96 0.11
C10 7HW E . -5.01 -13.95 -0.83
C9 7HW E . -5.60 -13.69 -2.07
C8 7HW E . -6.86 -14.46 -2.47
C7 7HW E . -6.53 -15.37 -3.64
C5 7HW E . -8.85 -15.06 -4.48
O2 7HW E . -10.71 -14.16 -5.50
C3 7HW E . -8.63 -13.54 -6.48
C1 7HW F . -25.66 -4.65 11.93
C2 7HW F . -24.60 -5.44 12.61
C4 7HW F . -22.65 -5.41 14.18
C6 7HW F . -23.61 -7.61 15.02
C12 7HW F . -22.86 -11.79 14.06
C13 7HW F . -21.95 -12.78 14.40
C14 7HW F . -22.09 -14.19 13.83
C15 7HW F . -21.97 -15.16 14.99
C16 7HW F . -22.49 -16.44 14.92
C17 7HW F . -23.45 -16.87 13.85
C18 7HW F . -23.66 -18.34 13.95
O4 7HW F . -26.90 -19.73 11.21
C22 7HW F . -26.69 -18.59 11.71
O3 7HW F . -26.07 -17.72 11.04
C21 7HW F . -27.17 -18.28 13.09
C20 7HW F . -26.18 -18.31 14.22
C19 7HW F . -24.89 -18.94 13.76
C11 7HW F . -23.67 -11.86 12.80
C10 7HW F . -25.11 -11.48 13.07
C9 7HW F . -25.55 -10.15 13.02
C8 7HW F . -24.57 -9.00 13.13
C7 7HW F . -24.25 -8.77 14.60
C5 7HW F . -22.63 -6.92 14.10
O2 7HW F . -21.65 -4.96 13.31
C3 7HW F . -23.96 -4.79 13.81
C1 7HW G . 10.52 6.61 8.35
C2 7HW G . 11.95 6.21 8.46
C4 7HW G . 14.20 6.86 9.38
C6 7HW G . 14.50 4.40 9.66
C12 7HW G . 14.71 -0.67 5.54
C13 7HW G . 15.94 -1.28 5.37
C14 7HW G . 17.23 -0.51 5.59
C15 7HW G . 18.11 -1.32 6.54
C16 7HW G . 19.07 -2.20 6.04
C17 7HW G . 18.72 -3.30 5.11
C18 7HW G . 18.89 -2.82 3.71
O4 7HW G . 20.67 -4.45 -0.05
C22 7HW G . 21.00 -4.81 1.11
O3 7HW G . 22.06 -4.34 1.64
C21 7HW G . 20.15 -5.78 1.88
C20 7HW G . 19.24 -5.19 2.92
C19 7HW G . 19.15 -3.70 2.68
C11 7HW G . 14.58 0.64 6.26
C10 7HW G . 13.17 0.76 6.83
C9 7HW G . 12.77 1.94 7.43
C8 7HW G . 13.76 3.06 7.62
C7 7HW G . 14.12 3.17 9.10
C5 7HW G . 14.73 5.59 8.78
O2 7HW G . 14.50 7.89 8.49
C3 7HW G . 12.71 6.83 9.61
C1 7HW H . 20.63 12.52 -15.05
C2 7HW H . 20.93 11.07 -14.84
C4 7HW H . 20.32 8.72 -15.46
C6 7HW H . 22.79 8.29 -15.48
C12 7HW H . 27.26 8.61 -10.94
C13 7HW H . 27.63 7.53 -10.16
C14 7HW H . 27.15 6.12 -10.41
C15 7HW H . 28.32 5.19 -10.12
C16 7HW H . 29.45 5.63 -9.44
C17 7HW H . 29.52 5.87 -7.97
C18 7HW H . 28.31 5.34 -7.27
O4 7HW H . 30.28 -0.32 -6.78
C22 7HW H . 30.33 0.94 -6.68
O3 7HW H . 31.43 1.54 -6.76
C21 7HW H . 29.08 1.73 -6.47
C20 7HW H . 28.90 2.88 -7.41
C19 7HW H . 28.34 4.08 -6.68
C11 7HW H . 25.97 8.67 -11.67
C10 7HW H . 25.91 10.00 -12.38
C9 7HW H . 24.84 10.28 -13.20
C8 7HW H . 23.82 9.19 -13.43
C7 7HW H . 23.95 8.69 -14.85
C5 7HW H . 21.53 8.27 -14.67
O2 7HW H . 19.20 8.54 -14.63
C3 7HW H . 20.41 10.16 -15.91
#